data_8CRZ
# 
_entry.id   8CRZ 
# 
_audit_conform.dict_name       mmcif_pdbx.dic 
_audit_conform.dict_version    5.399 
_audit_conform.dict_location   http://mmcif.pdb.org/dictionaries/ascii/mmcif_pdbx.dic 
# 
loop_
_database_2.database_id 
_database_2.database_code 
_database_2.pdbx_database_accession 
_database_2.pdbx_DOI 
PDB   8CRZ         pdb_00008crz 10.2210/pdb8crz/pdb 
WWPDB D_1000265343 ?            ?                   
# 
loop_
_pdbx_audit_revision_history.ordinal 
_pdbx_audit_revision_history.data_content_type 
_pdbx_audit_revision_history.major_revision 
_pdbx_audit_revision_history.minor_revision 
_pdbx_audit_revision_history.revision_date 
1 'Structure model' 1 0 2023-05-17 
2 'Structure model' 1 1 2024-05-22 
3 'Structure model' 1 2 2024-12-04 
# 
_pdbx_audit_revision_details.ordinal             1 
_pdbx_audit_revision_details.revision_ordinal    1 
_pdbx_audit_revision_details.data_content_type   'Structure model' 
_pdbx_audit_revision_details.provider            repository 
_pdbx_audit_revision_details.type                'Initial release' 
_pdbx_audit_revision_details.description         ? 
_pdbx_audit_revision_details.details             ? 
# 
loop_
_pdbx_audit_revision_group.ordinal 
_pdbx_audit_revision_group.revision_ordinal 
_pdbx_audit_revision_group.data_content_type 
_pdbx_audit_revision_group.group 
1 2 'Structure model' 'Data collection'     
2 3 'Structure model' 'Database references' 
3 3 'Structure model' 'Structure summary'   
# 
loop_
_pdbx_audit_revision_category.ordinal 
_pdbx_audit_revision_category.revision_ordinal 
_pdbx_audit_revision_category.data_content_type 
_pdbx_audit_revision_category.category 
1 2 'Structure model' chem_comp_atom     
2 2 'Structure model' chem_comp_bond     
3 3 'Structure model' citation           
4 3 'Structure model' citation_author    
5 3 'Structure model' pdbx_entry_details 
# 
loop_
_pdbx_audit_revision_item.ordinal 
_pdbx_audit_revision_item.revision_ordinal 
_pdbx_audit_revision_item.data_content_type 
_pdbx_audit_revision_item.item 
1  3 'Structure model' '_citation.country'                            
2  3 'Structure model' '_citation.journal_abbrev'                     
3  3 'Structure model' '_citation.journal_id_ASTM'                    
4  3 'Structure model' '_citation.journal_id_CSD'                     
5  3 'Structure model' '_citation.journal_id_ISSN'                    
6  3 'Structure model' '_citation.journal_volume'                     
7  3 'Structure model' '_citation.page_first'                         
8  3 'Structure model' '_citation.page_last'                          
9  3 'Structure model' '_citation.pdbx_database_id_DOI'               
10 3 'Structure model' '_citation.pdbx_database_id_PubMed'            
11 3 'Structure model' '_citation.title'                              
12 3 'Structure model' '_citation.year'                               
13 3 'Structure model' '_citation_author.identifier_ORCID'            
14 3 'Structure model' '_citation_author.name'                        
15 3 'Structure model' '_pdbx_entry_details.has_protein_modification' 
# 
_pdbx_database_status.status_code                     REL 
_pdbx_database_status.status_code_sf                  REL 
_pdbx_database_status.status_code_mr                  ? 
_pdbx_database_status.entry_id                        8CRZ 
_pdbx_database_status.recvd_initial_deposition_date   2022-05-12 
_pdbx_database_status.SG_entry                        N 
_pdbx_database_status.deposit_site                    RCSB 
_pdbx_database_status.process_site                    RCSB 
_pdbx_database_status.status_code_cs                  ? 
_pdbx_database_status.status_code_nmr_data            ? 
_pdbx_database_status.methods_development_category    ? 
_pdbx_database_status.pdb_format_compatible           Y 
# 
_pdbx_contact_author.id                 2 
_pdbx_contact_author.email              mgeorgia@iu.edu 
_pdbx_contact_author.name_first         Millie 
_pdbx_contact_author.name_last          Georgiadis 
_pdbx_contact_author.name_mi            M. 
_pdbx_contact_author.role               'principal investigator/group leader' 
_pdbx_contact_author.identifier_ORCID   0000-0003-2976-4576 
# 
_audit_author.name               'Georgiadis, M.M.' 
_audit_author.pdbx_ordinal       1 
_audit_author.identifier_ORCID   0000-0003-2976-4576 
# 
_citation.abstract                  ? 
_citation.abstract_id_CAS           ? 
_citation.book_id_ISBN              ? 
_citation.book_publisher            ? 
_citation.book_publisher_city       ? 
_citation.book_title                ? 
_citation.coordinate_linkage        ? 
_citation.country                   US 
_citation.database_id_Medline       ? 
_citation.details                   ? 
_citation.id                        primary 
_citation.journal_abbrev            J.Am.Chem.Soc. 
_citation.journal_id_ASTM           JACSAT 
_citation.journal_id_CSD            ? 
_citation.journal_id_ISSN           1520-5126 
_citation.journal_full              ? 
_citation.journal_issue             ? 
_citation.journal_volume            144 
_citation.language                  ? 
_citation.page_first                15603 
_citation.page_last                 15611 
_citation.title                     
;Visualizing "Alternative Isoinformational Engineered" DNA in A- and B-Forms at High Resolution.
;
_citation.year                      2022 
_citation.database_id_CSD           ? 
_citation.pdbx_database_id_DOI      10.1021/jacs.2c05255 
_citation.pdbx_database_id_PubMed   35969672 
_citation.pdbx_database_id_patent   ? 
_citation.unpublished_flag          ? 
# 
loop_
_citation_author.citation_id 
_citation_author.name 
_citation_author.ordinal 
_citation_author.identifier_ORCID 
primary 'Hoshika, S.'      1 ?                   
primary 'Shukla, M.S.'     2 ?                   
primary 'Benner, S.A.'     3 ?                   
primary 'Georgiadis, M.M.' 4 0000-0003-2976-4576 
# 
loop_
_entity.id 
_entity.type 
_entity.src_method 
_entity.pdbx_description 
_entity.formula_weight 
_entity.pdbx_number_of_molecules 
_entity.pdbx_ec 
_entity.pdbx_mutation 
_entity.pdbx_fragment 
_entity.details 
1 polymer syn 
;DNA (5'-D(*CP*TP*(JSP)P*(1W5)P*(1W5)P*(1WA)P*(IGU)P*(JSP))-3')
;
2481.646 1  ? ? ? ? 
2 polymer syn 
;DNA (5'-D(P*(IGU)P*(JSP)P*(1W5)P*(1WA)P*(1WA)P*(IGU)P*AP*G)-3')
;
2554.711 1  ? ? ? ? 
3 water   nat water                                                             18.015   79 ? ? ? ? 
# 
loop_
_entity_poly.entity_id 
_entity_poly.type 
_entity_poly.nstd_linkage 
_entity_poly.nstd_monomer 
_entity_poly.pdbx_seq_one_letter_code 
_entity_poly.pdbx_seq_one_letter_code_can 
_entity_poly.pdbx_strand_id 
_entity_poly.pdbx_target_identifier 
1 polydeoxyribonucleotide no yes '(DC)(DT)(JSP)(1W5)(1W5)(1WA)(IGU)(JSP)' CTXXXXGX A ? 
2 polydeoxyribonucleotide no yes '(IGU)(JSP)(1W5)(1WA)(1WA)(IGU)(DA)(DG)' GXXXXGAG B ? 
# 
_pdbx_entity_nonpoly.entity_id   3 
_pdbx_entity_nonpoly.name        water 
_pdbx_entity_nonpoly.comp_id     HOH 
# 
loop_
_entity_poly_seq.entity_id 
_entity_poly_seq.num 
_entity_poly_seq.mon_id 
_entity_poly_seq.hetero 
1 1 DC  n 
1 2 DT  n 
1 3 JSP n 
1 4 1W5 n 
1 5 1W5 n 
1 6 1WA n 
1 7 IGU n 
1 8 JSP n 
2 1 IGU n 
2 2 JSP n 
2 3 1W5 n 
2 4 1WA n 
2 5 1WA n 
2 6 IGU n 
2 7 DA  n 
2 8 DG  n 
# 
loop_
_pdbx_entity_src_syn.entity_id 
_pdbx_entity_src_syn.pdbx_src_id 
_pdbx_entity_src_syn.pdbx_alt_source_flag 
_pdbx_entity_src_syn.pdbx_beg_seq_num 
_pdbx_entity_src_syn.pdbx_end_seq_num 
_pdbx_entity_src_syn.organism_scientific 
_pdbx_entity_src_syn.organism_common_name 
_pdbx_entity_src_syn.ncbi_taxonomy_id 
_pdbx_entity_src_syn.details 
1 1 sample 1 8 'synthetic construct' ? 32630 ? 
2 1 sample 1 8 'synthetic construct' ? 32630 ? 
# 
loop_
_chem_comp.id 
_chem_comp.type 
_chem_comp.mon_nstd_flag 
_chem_comp.name 
_chem_comp.pdbx_synonyms 
_chem_comp.formula 
_chem_comp.formula_weight 
1W5 'DNA linking' . '(1R)-1-(6-amino-2-hydroxy-5-nitropyridin-3-yl)-1,4-anhydro-2-deoxy-5-O-phosphono-D-erythro-pentitol' ? 
'C10 H14 N3 O9 P'   351.207 
1WA 'DNA linking' . 
'2-amino-8-(2-deoxy-5-O-phosphono-beta-D-erythro-pentofuranosyl)-4-hydroxy-1H-imidazo[1,2-a][1,3,5]triazine-5,8-diium' ? 
'C10 H16 N5 O7 P 2' 349.237 
DA  'DNA linking' y "2'-DEOXYADENOSINE-5'-MONOPHOSPHATE" ? 'C10 H14 N5 O6 P'   331.222 
DC  'DNA linking' y "2'-DEOXYCYTIDINE-5'-MONOPHOSPHATE" ? 'C9 H14 N3 O7 P'    307.197 
DG  'DNA linking' y "2'-DEOXYGUANOSINE-5'-MONOPHOSPHATE" ? 'C10 H14 N5 O7 P'   347.221 
DT  'DNA linking' y "THYMIDINE-5'-MONOPHOSPHATE" ? 'C10 H15 N2 O8 P'   322.208 
HOH non-polymer   . WATER ? 'H2 O'              18.015  
IGU 'DNA linking' n "2'-DEOXYISOGUANINE-5'-MONOPHOSPHATE" ? 'C10 H14 N5 O7 P'   347.221 
JSP 'DNA linking' . 
'(1R)-1-(4-amino-1-methyl-2-oxo-1,2-dihydropyrimidin-5-yl)-1,4-anhydro-2-deoxy-5-O-phosphono-D-erythro-pentitol'       ? 
'C10 H16 N3 O7 P'   321.224 
# 
loop_
_pdbx_poly_seq_scheme.asym_id 
_pdbx_poly_seq_scheme.entity_id 
_pdbx_poly_seq_scheme.seq_id 
_pdbx_poly_seq_scheme.mon_id 
_pdbx_poly_seq_scheme.ndb_seq_num 
_pdbx_poly_seq_scheme.pdb_seq_num 
_pdbx_poly_seq_scheme.auth_seq_num 
_pdbx_poly_seq_scheme.pdb_mon_id 
_pdbx_poly_seq_scheme.auth_mon_id 
_pdbx_poly_seq_scheme.pdb_strand_id 
_pdbx_poly_seq_scheme.pdb_ins_code 
_pdbx_poly_seq_scheme.hetero 
A 1 1 DC  1 1  1  DC  DC  A . n 
A 1 2 DT  2 2  2  DT  DT  A . n 
A 1 3 JSP 3 3  3  JSP JSP A . n 
A 1 4 1W5 4 4  4  1W5 1W5 A . n 
A 1 5 1W5 5 5  5  1W5 1W5 A . n 
A 1 6 1WA 6 6  6  1WA 1WA A . n 
A 1 7 IGU 7 7  7  IGU IGU A . n 
A 1 8 JSP 8 8  8  JSP JSP A . n 
B 2 1 IGU 1 9  9  IGU IGU B . n 
B 2 2 JSP 2 10 10 JSP JSP B . n 
B 2 3 1W5 3 11 11 1W5 1W5 B . n 
B 2 4 1WA 4 12 12 1WA 1WA B . n 
B 2 5 1WA 5 13 13 1WA 1WA B . n 
B 2 6 IGU 6 14 14 IGU IGU B . n 
B 2 7 DA  7 15 15 DA  DA  B . n 
B 2 8 DG  8 16 16 DG  DG  B . n 
# 
loop_
_pdbx_entity_instance_feature.ordinal 
_pdbx_entity_instance_feature.comp_id 
_pdbx_entity_instance_feature.asym_id 
_pdbx_entity_instance_feature.seq_num 
_pdbx_entity_instance_feature.auth_comp_id 
_pdbx_entity_instance_feature.auth_asym_id 
_pdbx_entity_instance_feature.auth_seq_num 
_pdbx_entity_instance_feature.feature_type 
_pdbx_entity_instance_feature.details 
1 1W5 ? ? 1W5 ? ? 'SUBJECT OF INVESTIGATION' ? 
2 1WA ? ? 1WA ? ? 'SUBJECT OF INVESTIGATION' ? 
3 IGU ? ? IGU ? ? 'SUBJECT OF INVESTIGATION' ? 
4 JSP ? ? JSP ? ? 'SUBJECT OF INVESTIGATION' ? 
# 
loop_
_pdbx_nonpoly_scheme.asym_id 
_pdbx_nonpoly_scheme.entity_id 
_pdbx_nonpoly_scheme.mon_id 
_pdbx_nonpoly_scheme.ndb_seq_num 
_pdbx_nonpoly_scheme.pdb_seq_num 
_pdbx_nonpoly_scheme.auth_seq_num 
_pdbx_nonpoly_scheme.pdb_mon_id 
_pdbx_nonpoly_scheme.auth_mon_id 
_pdbx_nonpoly_scheme.pdb_strand_id 
_pdbx_nonpoly_scheme.pdb_ins_code 
C 3 HOH 1  101 18 HOH HOH A . 
C 3 HOH 2  102 57 HOH HOH A . 
C 3 HOH 3  103 14 HOH HOH A . 
C 3 HOH 4  104 41 HOH HOH A . 
C 3 HOH 5  105 48 HOH HOH A . 
C 3 HOH 6  106 73 HOH HOH A . 
C 3 HOH 7  107 9  HOH HOH A . 
C 3 HOH 8  108 47 HOH HOH A . 
C 3 HOH 9  109 39 HOH HOH A . 
C 3 HOH 10 110 30 HOH HOH A . 
C 3 HOH 11 111 40 HOH HOH A . 
C 3 HOH 12 112 7  HOH HOH A . 
C 3 HOH 13 113 17 HOH HOH A . 
C 3 HOH 14 114 24 HOH HOH A . 
C 3 HOH 15 115 8  HOH HOH A . 
C 3 HOH 16 116 34 HOH HOH A . 
C 3 HOH 17 117 42 HOH HOH A . 
C 3 HOH 18 118 49 HOH HOH A . 
C 3 HOH 19 119 28 HOH HOH A . 
C 3 HOH 20 120 21 HOH HOH A . 
C 3 HOH 21 121 1  HOH HOH A . 
C 3 HOH 22 122 4  HOH HOH A . 
C 3 HOH 23 123 23 HOH HOH A . 
C 3 HOH 24 124 63 HOH HOH A . 
C 3 HOH 25 125 16 HOH HOH A . 
C 3 HOH 26 126 43 HOH HOH A . 
C 3 HOH 27 127 3  HOH HOH A . 
C 3 HOH 28 128 75 HOH HOH A . 
C 3 HOH 29 129 36 HOH HOH A . 
C 3 HOH 30 130 81 HOH HOH A . 
C 3 HOH 31 131 55 HOH HOH A . 
C 3 HOH 32 132 46 HOH HOH A . 
C 3 HOH 33 133 53 HOH HOH A . 
C 3 HOH 34 134 78 HOH HOH A . 
C 3 HOH 35 135 35 HOH HOH A . 
C 3 HOH 36 136 31 HOH HOH A . 
C 3 HOH 37 137 79 HOH HOH A . 
C 3 HOH 38 138 22 HOH HOH A . 
C 3 HOH 39 139 60 HOH HOH A . 
D 3 HOH 1  101 71 HOH HOH B . 
D 3 HOH 2  102 80 HOH HOH B . 
D 3 HOH 3  103 68 HOH HOH B . 
D 3 HOH 4  104 70 HOH HOH B . 
D 3 HOH 5  105 15 HOH HOH B . 
D 3 HOH 6  106 72 HOH HOH B . 
D 3 HOH 7  107 6  HOH HOH B . 
D 3 HOH 8  108 19 HOH HOH B . 
D 3 HOH 9  109 50 HOH HOH B . 
D 3 HOH 10 110 37 HOH HOH B . 
D 3 HOH 11 111 67 HOH HOH B . 
D 3 HOH 12 112 65 HOH HOH B . 
D 3 HOH 13 113 77 HOH HOH B . 
D 3 HOH 14 114 20 HOH HOH B . 
D 3 HOH 15 115 10 HOH HOH B . 
D 3 HOH 16 116 32 HOH HOH B . 
D 3 HOH 17 117 5  HOH HOH B . 
D 3 HOH 18 118 85 HOH HOH B . 
D 3 HOH 19 119 52 HOH HOH B . 
D 3 HOH 20 120 69 HOH HOH B . 
D 3 HOH 21 121 74 HOH HOH B . 
D 3 HOH 22 122 12 HOH HOH B . 
D 3 HOH 23 123 11 HOH HOH B . 
D 3 HOH 24 124 66 HOH HOH B . 
D 3 HOH 25 125 26 HOH HOH B . 
D 3 HOH 26 126 27 HOH HOH B . 
D 3 HOH 27 127 25 HOH HOH B . 
D 3 HOH 28 128 29 HOH HOH B . 
D 3 HOH 29 129 2  HOH HOH B . 
D 3 HOH 30 130 13 HOH HOH B . 
D 3 HOH 31 131 33 HOH HOH B . 
D 3 HOH 32 132 38 HOH HOH B . 
D 3 HOH 33 133 83 HOH HOH B . 
D 3 HOH 34 134 64 HOH HOH B . 
D 3 HOH 35 135 62 HOH HOH B . 
D 3 HOH 36 136 61 HOH HOH B . 
D 3 HOH 37 137 45 HOH HOH B . 
D 3 HOH 38 138 44 HOH HOH B . 
D 3 HOH 39 139 51 HOH HOH B . 
D 3 HOH 40 140 56 HOH HOH B . 
# 
loop_
_software.citation_id 
_software.classification 
_software.compiler_name 
_software.compiler_version 
_software.contact_author 
_software.contact_author_email 
_software.date 
_software.description 
_software.dependencies 
_software.hardware 
_software.language 
_software.location 
_software.mods 
_software.name 
_software.os 
_software.os_version 
_software.type 
_software.version 
_software.pdbx_ordinal 
? 'data scaling'    ? ? ? ? ? ? ? ? ? ? ? Aimless     ? ? ? 0.7.4     1 
? refinement        ? ? ? ? ? ? ? ? ? ? ? PHENIX      ? ? ? 1.13_2998 2 
? 'data extraction' ? ? ? ? ? ? ? ? ? ? ? PDB_EXTRACT ? ? ? 3.27      3 
? 'data reduction'  ? ? ? ? ? ? ? ? ? ? ? XDS         ? ? ? .         4 
? phasing           ? ? ? ? ? ? ? ? ? ? ? PHASER      ? ? ? .         5 
# 
_cell.angle_alpha                  90.000 
_cell.angle_alpha_esd              ? 
_cell.angle_beta                   90.000 
_cell.angle_beta_esd               ? 
_cell.angle_gamma                  90.000 
_cell.angle_gamma_esd              ? 
_cell.entry_id                     8CRZ 
_cell.details                      ? 
_cell.formula_units_Z              ? 
_cell.length_a                     46.496 
_cell.length_a_esd                 ? 
_cell.length_b                     46.496 
_cell.length_b_esd                 ? 
_cell.length_c                     42.452 
_cell.length_c_esd                 ? 
_cell.volume                       ? 
_cell.volume_esd                   ? 
_cell.Z_PDB                        8 
_cell.reciprocal_angle_alpha       ? 
_cell.reciprocal_angle_beta        ? 
_cell.reciprocal_angle_gamma       ? 
_cell.reciprocal_angle_alpha_esd   ? 
_cell.reciprocal_angle_beta_esd    ? 
_cell.reciprocal_angle_gamma_esd   ? 
_cell.reciprocal_length_a          ? 
_cell.reciprocal_length_b          ? 
_cell.reciprocal_length_c          ? 
_cell.reciprocal_length_a_esd      ? 
_cell.reciprocal_length_b_esd      ? 
_cell.reciprocal_length_c_esd      ? 
_cell.pdbx_unique_axis             ? 
_cell.pdbx_esd_method              ? 
# 
_symmetry.entry_id                         8CRZ 
_symmetry.cell_setting                     ? 
_symmetry.Int_Tables_number                94 
_symmetry.space_group_name_Hall            ? 
_symmetry.space_group_name_H-M             'P 42 21 2' 
_symmetry.pdbx_full_space_group_name_H-M   ? 
# 
_exptl.absorpt_coefficient_mu     ? 
_exptl.absorpt_correction_T_max   ? 
_exptl.absorpt_correction_T_min   ? 
_exptl.absorpt_correction_type    ? 
_exptl.absorpt_process_details    ? 
_exptl.entry_id                   8CRZ 
_exptl.crystals_number            1 
_exptl.details                    ? 
_exptl.method                     'X-RAY DIFFRACTION' 
_exptl.method_details             ? 
# 
_exptl_crystal.colour                       ? 
_exptl_crystal.density_diffrn               ? 
_exptl_crystal.density_Matthews             2.28 
_exptl_crystal.density_method               ? 
_exptl_crystal.density_percent_sol          46.00 
_exptl_crystal.description                  ? 
_exptl_crystal.F_000                        ? 
_exptl_crystal.id                           1 
_exptl_crystal.preparation                  ? 
_exptl_crystal.size_max                     ? 
_exptl_crystal.size_mid                     ? 
_exptl_crystal.size_min                     ? 
_exptl_crystal.size_rad                     ? 
_exptl_crystal.colour_lustre                ? 
_exptl_crystal.colour_modifier              ? 
_exptl_crystal.colour_primary               ? 
_exptl_crystal.density_meas                 ? 
_exptl_crystal.density_meas_esd             ? 
_exptl_crystal.density_meas_gt              ? 
_exptl_crystal.density_meas_lt              ? 
_exptl_crystal.density_meas_temp            ? 
_exptl_crystal.density_meas_temp_esd        ? 
_exptl_crystal.density_meas_temp_gt         ? 
_exptl_crystal.density_meas_temp_lt         ? 
_exptl_crystal.pdbx_crystal_image_url       ? 
_exptl_crystal.pdbx_crystal_image_format    ? 
_exptl_crystal.pdbx_mosaicity               ? 
_exptl_crystal.pdbx_mosaicity_esd           ? 
_exptl_crystal.pdbx_mosaic_method           ? 
_exptl_crystal.pdbx_mosaic_block_size       ? 
_exptl_crystal.pdbx_mosaic_block_size_esd   ? 
# 
_exptl_crystal_grow.apparatus       ? 
_exptl_crystal_grow.atmosphere      ? 
_exptl_crystal_grow.crystal_id      1 
_exptl_crystal_grow.details         ? 
_exptl_crystal_grow.method          'VAPOR DIFFUSION, SITTING DROP' 
_exptl_crystal_grow.method_ref      ? 
_exptl_crystal_grow.pH              7.0 
_exptl_crystal_grow.pressure        ? 
_exptl_crystal_grow.pressure_esd    ? 
_exptl_crystal_grow.seeding         ? 
_exptl_crystal_grow.seeding_ref     ? 
_exptl_crystal_grow.temp            293 
_exptl_crystal_grow.temp_details    ? 
_exptl_crystal_grow.temp_esd        ? 
_exptl_crystal_grow.time            ? 
_exptl_crystal_grow.pdbx_details    '0.05 M HEPES, pH 7.0, 2.0 M ammonium sulfate' 
_exptl_crystal_grow.pdbx_pH_range   ? 
# 
_diffrn.ambient_environment              ? 
_diffrn.ambient_temp                     100 
_diffrn.ambient_temp_details             ? 
_diffrn.ambient_temp_esd                 ? 
_diffrn.crystal_id                       1 
_diffrn.crystal_support                  ? 
_diffrn.crystal_treatment                ? 
_diffrn.details                          ? 
_diffrn.id                               1 
_diffrn.ambient_pressure                 ? 
_diffrn.ambient_pressure_esd             ? 
_diffrn.ambient_pressure_gt              ? 
_diffrn.ambient_pressure_lt              ? 
_diffrn.ambient_temp_gt                  ? 
_diffrn.ambient_temp_lt                  ? 
_diffrn.pdbx_serial_crystal_experiment   N 
# 
_diffrn_detector.details                      ? 
_diffrn_detector.detector                     PIXEL 
_diffrn_detector.diffrn_id                    1 
_diffrn_detector.type                         'DECTRIS PILATUS3 6M' 
_diffrn_detector.area_resol_mean              ? 
_diffrn_detector.dtime                        ? 
_diffrn_detector.pdbx_frames_total            ? 
_diffrn_detector.pdbx_collection_time_total   ? 
_diffrn_detector.pdbx_collection_date         2020-07-22 
_diffrn_detector.pdbx_frequency               ? 
# 
_diffrn_radiation.collimation                      ? 
_diffrn_radiation.diffrn_id                        1 
_diffrn_radiation.filter_edge                      ? 
_diffrn_radiation.inhomogeneity                    ? 
_diffrn_radiation.monochromator                    ? 
_diffrn_radiation.polarisn_norm                    ? 
_diffrn_radiation.polarisn_ratio                   ? 
_diffrn_radiation.probe                            ? 
_diffrn_radiation.type                             ? 
_diffrn_radiation.xray_symbol                      ? 
_diffrn_radiation.wavelength_id                    1 
_diffrn_radiation.pdbx_monochromatic_or_laue_m_l   M 
_diffrn_radiation.pdbx_wavelength_list             ? 
_diffrn_radiation.pdbx_wavelength                  ? 
_diffrn_radiation.pdbx_diffrn_protocol             'SINGLE WAVELENGTH' 
_diffrn_radiation.pdbx_analyzer                    ? 
_diffrn_radiation.pdbx_scattering_type             x-ray 
# 
_diffrn_radiation_wavelength.id           1 
_diffrn_radiation_wavelength.wavelength   0.97933 
_diffrn_radiation_wavelength.wt           1.0 
# 
_diffrn_source.current                     ? 
_diffrn_source.details                     ? 
_diffrn_source.diffrn_id                   1 
_diffrn_source.power                       ? 
_diffrn_source.size                        ? 
_diffrn_source.source                      SYNCHROTRON 
_diffrn_source.target                      ? 
_diffrn_source.type                        'APS BEAMLINE 31-ID' 
_diffrn_source.voltage                     ? 
_diffrn_source.take-off_angle              ? 
_diffrn_source.pdbx_wavelength_list        0.97933 
_diffrn_source.pdbx_wavelength             ? 
_diffrn_source.pdbx_synchrotron_beamline   31-ID 
_diffrn_source.pdbx_synchrotron_site       APS 
# 
_reflns.B_iso_Wilson_estimate                          14.590 
_reflns.entry_id                                       8CRZ 
_reflns.data_reduction_details                         ? 
_reflns.data_reduction_method                          ? 
_reflns.d_resolution_high                              1.200 
_reflns.d_resolution_low                               46.500 
_reflns.details                                        ? 
_reflns.limit_h_max                                    ? 
_reflns.limit_h_min                                    ? 
_reflns.limit_k_max                                    ? 
_reflns.limit_k_min                                    ? 
_reflns.limit_l_max                                    ? 
_reflns.limit_l_min                                    ? 
_reflns.number_all                                     ? 
_reflns.number_obs                                     15095 
_reflns.observed_criterion                             ? 
_reflns.observed_criterion_F_max                       ? 
_reflns.observed_criterion_F_min                       ? 
_reflns.observed_criterion_I_max                       ? 
_reflns.observed_criterion_I_min                       ? 
_reflns.observed_criterion_sigma_F                     ? 
_reflns.observed_criterion_sigma_I                     ? 
_reflns.percent_possible_obs                           99.800 
_reflns.R_free_details                                 ? 
_reflns.Rmerge_F_all                                   ? 
_reflns.Rmerge_F_obs                                   ? 
_reflns.Friedel_coverage                               ? 
_reflns.number_gt                                      ? 
_reflns.threshold_expression                           ? 
_reflns.pdbx_redundancy                                12.000 
_reflns.pdbx_Rmerge_I_obs                              0.048 
_reflns.pdbx_Rmerge_I_all                              ? 
_reflns.pdbx_Rsym_value                                ? 
_reflns.pdbx_netI_over_av_sigmaI                       ? 
_reflns.pdbx_netI_over_sigmaI                          34.200 
_reflns.pdbx_res_netI_over_av_sigmaI_2                 ? 
_reflns.pdbx_res_netI_over_sigmaI_2                    ? 
_reflns.pdbx_chi_squared                               ? 
_reflns.pdbx_scaling_rejects                           7 
_reflns.pdbx_d_res_high_opt                            ? 
_reflns.pdbx_d_res_low_opt                             ? 
_reflns.pdbx_d_res_opt_method                          ? 
_reflns.phase_calculation_details                      ? 
_reflns.pdbx_Rrim_I_all                                0.050 
_reflns.pdbx_Rpim_I_all                                0.015 
_reflns.pdbx_d_opt                                     ? 
_reflns.pdbx_number_measured_all                       181739 
_reflns.pdbx_diffrn_id                                 1 
_reflns.pdbx_ordinal                                   1 
_reflns.pdbx_CC_half                                   0.998 
_reflns.pdbx_CC_star                                   ? 
_reflns.pdbx_R_split                                   ? 
_reflns.pdbx_aniso_diffraction_limit_axis_1_ortho[1]   ? 
_reflns.pdbx_aniso_diffraction_limit_axis_1_ortho[2]   ? 
_reflns.pdbx_aniso_diffraction_limit_axis_1_ortho[3]   ? 
_reflns.pdbx_aniso_diffraction_limit_axis_2_ortho[1]   ? 
_reflns.pdbx_aniso_diffraction_limit_axis_2_ortho[2]   ? 
_reflns.pdbx_aniso_diffraction_limit_axis_2_ortho[3]   ? 
_reflns.pdbx_aniso_diffraction_limit_axis_3_ortho[1]   ? 
_reflns.pdbx_aniso_diffraction_limit_axis_3_ortho[2]   ? 
_reflns.pdbx_aniso_diffraction_limit_axis_3_ortho[3]   ? 
_reflns.pdbx_aniso_diffraction_limit_1                 ? 
_reflns.pdbx_aniso_diffraction_limit_2                 ? 
_reflns.pdbx_aniso_diffraction_limit_3                 ? 
_reflns.pdbx_aniso_B_tensor_eigenvector_1_ortho[1]     ? 
_reflns.pdbx_aniso_B_tensor_eigenvector_1_ortho[2]     ? 
_reflns.pdbx_aniso_B_tensor_eigenvector_1_ortho[3]     ? 
_reflns.pdbx_aniso_B_tensor_eigenvector_2_ortho[1]     ? 
_reflns.pdbx_aniso_B_tensor_eigenvector_2_ortho[2]     ? 
_reflns.pdbx_aniso_B_tensor_eigenvector_2_ortho[3]     ? 
_reflns.pdbx_aniso_B_tensor_eigenvector_3_ortho[1]     ? 
_reflns.pdbx_aniso_B_tensor_eigenvector_3_ortho[2]     ? 
_reflns.pdbx_aniso_B_tensor_eigenvector_3_ortho[3]     ? 
_reflns.pdbx_aniso_B_tensor_eigenvalue_1               ? 
_reflns.pdbx_aniso_B_tensor_eigenvalue_2               ? 
_reflns.pdbx_aniso_B_tensor_eigenvalue_3               ? 
_reflns.pdbx_orthogonalization_convention              ? 
_reflns.pdbx_percent_possible_ellipsoidal              ? 
_reflns.pdbx_percent_possible_spherical                ? 
_reflns.pdbx_percent_possible_ellipsoidal_anomalous    ? 
_reflns.pdbx_percent_possible_spherical_anomalous      ? 
_reflns.pdbx_redundancy_anomalous                      ? 
_reflns.pdbx_CC_half_anomalous                         ? 
_reflns.pdbx_absDiff_over_sigma_anomalous              ? 
_reflns.pdbx_percent_possible_anomalous                ? 
_reflns.pdbx_observed_signal_threshold                 ? 
_reflns.pdbx_signal_type                               ? 
_reflns.pdbx_signal_details                            ? 
_reflns.pdbx_signal_software_id                        ? 
_reflns.pdbx_CC_split_method                           ? 
# 
loop_
_reflns_shell.d_res_high 
_reflns_shell.d_res_low 
_reflns_shell.meanI_over_sigI_all 
_reflns_shell.meanI_over_sigI_obs 
_reflns_shell.number_measured_all 
_reflns_shell.number_measured_obs 
_reflns_shell.number_possible 
_reflns_shell.number_unique_all 
_reflns_shell.number_unique_obs 
_reflns_shell.percent_possible_all 
_reflns_shell.percent_possible_obs 
_reflns_shell.Rmerge_F_all 
_reflns_shell.Rmerge_F_obs 
_reflns_shell.Rmerge_I_all 
_reflns_shell.Rmerge_I_obs 
_reflns_shell.meanI_over_sigI_gt 
_reflns_shell.meanI_over_uI_all 
_reflns_shell.meanI_over_uI_gt 
_reflns_shell.number_measured_gt 
_reflns_shell.number_unique_gt 
_reflns_shell.percent_possible_gt 
_reflns_shell.Rmerge_F_gt 
_reflns_shell.Rmerge_I_gt 
_reflns_shell.pdbx_redundancy 
_reflns_shell.pdbx_Rsym_value 
_reflns_shell.pdbx_chi_squared 
_reflns_shell.pdbx_netI_over_sigmaI_all 
_reflns_shell.pdbx_netI_over_sigmaI_obs 
_reflns_shell.pdbx_Rrim_I_all 
_reflns_shell.pdbx_Rpim_I_all 
_reflns_shell.pdbx_rejects 
_reflns_shell.pdbx_ordinal 
_reflns_shell.pdbx_diffrn_id 
_reflns_shell.pdbx_CC_half 
_reflns_shell.pdbx_CC_star 
_reflns_shell.pdbx_R_split 
_reflns_shell.pdbx_percent_possible_ellipsoidal 
_reflns_shell.pdbx_percent_possible_spherical 
_reflns_shell.pdbx_percent_possible_ellipsoidal_anomalous 
_reflns_shell.pdbx_percent_possible_spherical_anomalous 
_reflns_shell.pdbx_redundancy_anomalous 
_reflns_shell.pdbx_CC_half_anomalous 
_reflns_shell.pdbx_absDiff_over_sigma_anomalous 
_reflns_shell.pdbx_percent_possible_anomalous 
1.200 1.220  ? ? 9464 ? ? ? 739 99.100 ? ? ? ? 0.209 ? ? ? ? ? ? ? ? 12.800 ? ? ? 13.100 0.217 0.060 ? 1 1 0.993 ? ? ? ? ? ? ? ? ? 
? 
6.570 46.500 ? ? 1002 ? ? ? 122 96.900 ? ? ? ? 0.051 ? ? ? ? ? ? ? ? 8.200  ? ? ? 42.600 0.055 0.019 ? 2 1 0.996 ? ? ? ? ? ? ? ? ? 
? 
# 
_refine.aniso_B[1][1]                            ? 
_refine.aniso_B[1][2]                            ? 
_refine.aniso_B[1][3]                            ? 
_refine.aniso_B[2][2]                            ? 
_refine.aniso_B[2][3]                            ? 
_refine.aniso_B[3][3]                            ? 
_refine.B_iso_max                                41.650 
_refine.B_iso_mean                               17.7710 
_refine.B_iso_min                                10.260 
_refine.correlation_coeff_Fo_to_Fc               ? 
_refine.correlation_coeff_Fo_to_Fc_free          ? 
_refine.details                                  ? 
_refine.diff_density_max                         ? 
_refine.diff_density_max_esd                     ? 
_refine.diff_density_min                         ? 
_refine.diff_density_min_esd                     ? 
_refine.diff_density_rms                         ? 
_refine.diff_density_rms_esd                     ? 
_refine.entry_id                                 8CRZ 
_refine.pdbx_refine_id                           'X-RAY DIFFRACTION' 
_refine.ls_abs_structure_details                 ? 
_refine.ls_abs_structure_Flack                   ? 
_refine.ls_abs_structure_Flack_esd               ? 
_refine.ls_abs_structure_Rogers                  ? 
_refine.ls_abs_structure_Rogers_esd              ? 
_refine.ls_d_res_high                            1.2000 
_refine.ls_d_res_low                             20.7940 
_refine.ls_extinction_coef                       ? 
_refine.ls_extinction_coef_esd                   ? 
_refine.ls_extinction_expression                 ? 
_refine.ls_extinction_method                     ? 
_refine.ls_goodness_of_fit_all                   ? 
_refine.ls_goodness_of_fit_all_esd               ? 
_refine.ls_goodness_of_fit_obs                   ? 
_refine.ls_goodness_of_fit_obs_esd               ? 
_refine.ls_hydrogen_treatment                    ? 
_refine.ls_matrix_type                           ? 
_refine.ls_number_constraints                    ? 
_refine.ls_number_parameters                     ? 
_refine.ls_number_reflns_all                     ? 
_refine.ls_number_reflns_obs                     15049 
_refine.ls_number_reflns_R_free                  732 
_refine.ls_number_reflns_R_work                  14317 
_refine.ls_number_restraints                     ? 
_refine.ls_percent_reflns_obs                    99.5800 
_refine.ls_percent_reflns_R_free                 4.8600 
_refine.ls_R_factor_all                          ? 
_refine.ls_R_factor_obs                          0.1854 
_refine.ls_R_factor_R_free                       0.2000 
_refine.ls_R_factor_R_free_error                 ? 
_refine.ls_R_factor_R_free_error_details         ? 
_refine.ls_R_factor_R_work                       0.1845 
_refine.ls_R_Fsqd_factor_obs                     ? 
_refine.ls_R_I_factor_obs                        ? 
_refine.ls_redundancy_reflns_all                 ? 
_refine.ls_redundancy_reflns_obs                 ? 
_refine.ls_restrained_S_all                      ? 
_refine.ls_restrained_S_obs                      ? 
_refine.ls_shift_over_esd_max                    ? 
_refine.ls_shift_over_esd_mean                   ? 
_refine.ls_structure_factor_coef                 ? 
_refine.ls_weighting_details                     ? 
_refine.ls_weighting_scheme                      ? 
_refine.ls_wR_factor_all                         ? 
_refine.ls_wR_factor_obs                         ? 
_refine.ls_wR_factor_R_free                      ? 
_refine.ls_wR_factor_R_work                      ? 
_refine.occupancy_max                            ? 
_refine.occupancy_min                            ? 
_refine.solvent_model_details                    'FLAT BULK SOLVENT MODEL' 
_refine.solvent_model_param_bsol                 ? 
_refine.solvent_model_param_ksol                 ? 
_refine.pdbx_R_complete                          ? 
_refine.ls_R_factor_gt                           ? 
_refine.ls_goodness_of_fit_gt                    ? 
_refine.ls_goodness_of_fit_ref                   ? 
_refine.ls_shift_over_su_max                     ? 
_refine.ls_shift_over_su_max_lt                  ? 
_refine.ls_shift_over_su_mean                    ? 
_refine.ls_shift_over_su_mean_lt                 ? 
_refine.pdbx_ls_sigma_I                          ? 
_refine.pdbx_ls_sigma_F                          1.370 
_refine.pdbx_ls_sigma_Fsqd                       ? 
_refine.pdbx_data_cutoff_high_absF               ? 
_refine.pdbx_data_cutoff_high_rms_absF           ? 
_refine.pdbx_data_cutoff_low_absF                ? 
_refine.pdbx_isotropic_thermal_model             ? 
_refine.pdbx_ls_cross_valid_method               THROUGHOUT 
_refine.pdbx_method_to_determine_struct          'MOLECULAR REPLACEMENT' 
_refine.pdbx_starting_model                      ? 
_refine.pdbx_stereochemistry_target_values       ML 
_refine.pdbx_R_Free_selection_details            ? 
_refine.pdbx_stereochem_target_val_spec_case     ? 
_refine.pdbx_overall_ESU_R                       ? 
_refine.pdbx_overall_ESU_R_Free                  ? 
_refine.pdbx_solvent_vdw_probe_radii             1.1100 
_refine.pdbx_solvent_ion_probe_radii             ? 
_refine.pdbx_solvent_shrinkage_radii             0.9000 
_refine.pdbx_real_space_R                        ? 
_refine.pdbx_density_correlation                 ? 
_refine.pdbx_pd_number_of_powder_patterns        ? 
_refine.pdbx_pd_number_of_points                 ? 
_refine.pdbx_pd_meas_number_of_points            ? 
_refine.pdbx_pd_proc_ls_prof_R_factor            ? 
_refine.pdbx_pd_proc_ls_prof_wR_factor           ? 
_refine.pdbx_pd_Marquardt_correlation_coeff      ? 
_refine.pdbx_pd_Fsqrd_R_factor                   ? 
_refine.pdbx_pd_ls_matrix_band_width             ? 
_refine.pdbx_overall_phase_error                 24.2100 
_refine.pdbx_overall_SU_R_free_Cruickshank_DPI   ? 
_refine.pdbx_overall_SU_R_free_Blow_DPI          ? 
_refine.pdbx_overall_SU_R_Blow_DPI               ? 
_refine.pdbx_TLS_residual_ADP_flag               ? 
_refine.pdbx_diffrn_id                           1 
_refine.overall_SU_B                             ? 
_refine.overall_SU_ML                            0.0600 
_refine.overall_SU_R_Cruickshank_DPI             ? 
_refine.overall_SU_R_free                        ? 
_refine.overall_FOM_free_R_set                   ? 
_refine.overall_FOM_work_R_set                   ? 
_refine.pdbx_average_fsc_overall                 ? 
_refine.pdbx_average_fsc_work                    ? 
_refine.pdbx_average_fsc_free                    ? 
# 
_refine_hist.pdbx_refine_id                   'X-RAY DIFFRACTION' 
_refine_hist.cycle_id                         final 
_refine_hist.details                          ? 
_refine_hist.d_res_high                       1.2000 
_refine_hist.d_res_low                        20.7940 
_refine_hist.number_atoms_solvent             79 
_refine_hist.number_atoms_total               416 
_refine_hist.number_reflns_all                ? 
_refine_hist.number_reflns_obs                ? 
_refine_hist.number_reflns_R_free             ? 
_refine_hist.number_reflns_R_work             ? 
_refine_hist.R_factor_all                     ? 
_refine_hist.R_factor_obs                     ? 
_refine_hist.R_factor_R_free                  ? 
_refine_hist.R_factor_R_work                  ? 
_refine_hist.pdbx_number_residues_total       16 
_refine_hist.pdbx_B_iso_mean_ligand           ? 
_refine_hist.pdbx_B_iso_mean_solvent          26.56 
_refine_hist.pdbx_number_atoms_protein        0 
_refine_hist.pdbx_number_atoms_nucleic_acid   337 
_refine_hist.pdbx_number_atoms_ligand         0 
_refine_hist.pdbx_number_atoms_lipid          ? 
_refine_hist.pdbx_number_atoms_carb           ? 
_refine_hist.pdbx_pseudo_atom_details         ? 
# 
loop_
_refine_ls_shell.pdbx_refine_id 
_refine_ls_shell.d_res_high 
_refine_ls_shell.d_res_low 
_refine_ls_shell.number_reflns_all 
_refine_ls_shell.number_reflns_obs 
_refine_ls_shell.number_reflns_R_free 
_refine_ls_shell.number_reflns_R_work 
_refine_ls_shell.percent_reflns_obs 
_refine_ls_shell.percent_reflns_R_free 
_refine_ls_shell.R_factor_all 
_refine_ls_shell.R_factor_obs 
_refine_ls_shell.R_factor_R_free 
_refine_ls_shell.R_factor_R_free_error 
_refine_ls_shell.R_factor_R_work 
_refine_ls_shell.redundancy_reflns_all 
_refine_ls_shell.redundancy_reflns_obs 
_refine_ls_shell.wR_factor_all 
_refine_ls_shell.wR_factor_obs 
_refine_ls_shell.wR_factor_R_free 
_refine_ls_shell.wR_factor_R_work 
_refine_ls_shell.pdbx_R_complete 
_refine_ls_shell.pdbx_total_number_of_bins_used 
_refine_ls_shell.pdbx_phase_error 
_refine_ls_shell.pdbx_fsc_work 
_refine_ls_shell.pdbx_fsc_free 
'X-RAY DIFFRACTION' 1.2000 1.2927  . . 152 2784 99.0000  . . . 0.2560 0.0000 0.2245 . . . . . . . . . . . 
'X-RAY DIFFRACTION' 1.2927 1.4228  . . 125 2827 100.0000 . . . 0.2236 0.0000 0.2181 . . . . . . . . . . . 
'X-RAY DIFFRACTION' 1.4228 1.6286  . . 147 2822 100.0000 . . . 0.2014 0.0000 0.1963 . . . . . . . . . . . 
'X-RAY DIFFRACTION' 1.6286 2.0515  . . 138 2883 100.0000 . . . 0.2047 0.0000 0.1929 . . . . . . . . . . . 
'X-RAY DIFFRACTION' 2.0515 20.7940 . . 170 3001 99.0000  . . . 0.1920 0.0000 0.1729 . . . . . . . . . . . 
# 
_struct.entry_id                     8CRZ 
_struct.title                        'Crystal structure of alien DNA CTSZZPBSBSZPPBAG in a tetragonal lattice' 
_struct.pdbx_model_details           ? 
_struct.pdbx_formula_weight          ? 
_struct.pdbx_formula_weight_method   ? 
_struct.pdbx_model_type_details      ? 
_struct.pdbx_CASP_flag               N 
# 
_struct_keywords.entry_id        8CRZ 
_struct_keywords.text            'unnatural DNA, Alien DNA, DNA' 
_struct_keywords.pdbx_keywords   DNA 
# 
loop_
_struct_asym.id 
_struct_asym.pdbx_blank_PDB_chainid_flag 
_struct_asym.pdbx_modified 
_struct_asym.entity_id 
_struct_asym.details 
A N N 1 ? 
B N N 2 ? 
C N N 3 ? 
D N N 3 ? 
# 
loop_
_struct_ref.id 
_struct_ref.db_name 
_struct_ref.db_code 
_struct_ref.pdbx_db_accession 
_struct_ref.pdbx_db_isoform 
_struct_ref.entity_id 
_struct_ref.pdbx_seq_one_letter_code 
_struct_ref.pdbx_align_begin 
1 PDB 8CRZ 8CRZ ? 1 ? 1 
2 PDB 8CRZ 8CRZ ? 2 ? 1 
# 
loop_
_struct_ref_seq.align_id 
_struct_ref_seq.ref_id 
_struct_ref_seq.pdbx_PDB_id_code 
_struct_ref_seq.pdbx_strand_id 
_struct_ref_seq.seq_align_beg 
_struct_ref_seq.pdbx_seq_align_beg_ins_code 
_struct_ref_seq.seq_align_end 
_struct_ref_seq.pdbx_seq_align_end_ins_code 
_struct_ref_seq.pdbx_db_accession 
_struct_ref_seq.db_align_beg 
_struct_ref_seq.pdbx_db_align_beg_ins_code 
_struct_ref_seq.db_align_end 
_struct_ref_seq.pdbx_db_align_end_ins_code 
_struct_ref_seq.pdbx_auth_seq_align_beg 
_struct_ref_seq.pdbx_auth_seq_align_end 
1 1 8CRZ A 1 ? 8 ? 8CRZ 1 ? 8  ? 1 8  
2 2 8CRZ B 1 ? 8 ? 8CRZ 9 ? 16 ? 9 16 
# 
_pdbx_struct_assembly.id                   1 
_pdbx_struct_assembly.details              author_defined_assembly 
_pdbx_struct_assembly.method_details       ? 
_pdbx_struct_assembly.oligomeric_details   tetrameric 
_pdbx_struct_assembly.oligomeric_count     4 
# 
loop_
_pdbx_struct_assembly_gen.assembly_id 
_pdbx_struct_assembly_gen.oper_expression 
_pdbx_struct_assembly_gen.asym_id_list 
1 1 A,B,C,D 
1 2 A,B,C,D 
# 
_pdbx_struct_assembly_auth_evidence.id                     1 
_pdbx_struct_assembly_auth_evidence.assembly_id            1 
_pdbx_struct_assembly_auth_evidence.experimental_support   none 
_pdbx_struct_assembly_auth_evidence.details                ? 
# 
loop_
_pdbx_struct_oper_list.id 
_pdbx_struct_oper_list.type 
_pdbx_struct_oper_list.name 
_pdbx_struct_oper_list.symmetry_operation 
_pdbx_struct_oper_list.matrix[1][1] 
_pdbx_struct_oper_list.matrix[1][2] 
_pdbx_struct_oper_list.matrix[1][3] 
_pdbx_struct_oper_list.vector[1] 
_pdbx_struct_oper_list.matrix[2][1] 
_pdbx_struct_oper_list.matrix[2][2] 
_pdbx_struct_oper_list.matrix[2][3] 
_pdbx_struct_oper_list.vector[2] 
_pdbx_struct_oper_list.matrix[3][1] 
_pdbx_struct_oper_list.matrix[3][2] 
_pdbx_struct_oper_list.matrix[3][3] 
_pdbx_struct_oper_list.vector[3] 
1 'identity operation'         1_555 x,y,z     1.0000000000  0.0000000000 0.0000000000 0.0000000000   0.0000000000 1.0000000000  0.0000000000 0.0000000000   0.0000000000 0.0000000000 1.0000000000 0.0000000000  
2 'crystal symmetry operation' 2_655 -x+1,-y,z -0.5265259436 0.2314266024 0.8180538848 -13.9856528559 0.2314266024 -0.8868823507 0.3998517523 -10.3864496475 0.8180538848 0.3998517523 0.4134082942 11.0329462516 
# 
loop_
_struct_conn.id 
_struct_conn.conn_type_id 
_struct_conn.pdbx_leaving_atom_flag 
_struct_conn.pdbx_PDB_id 
_struct_conn.ptnr1_label_asym_id 
_struct_conn.ptnr1_label_comp_id 
_struct_conn.ptnr1_label_seq_id 
_struct_conn.ptnr1_label_atom_id 
_struct_conn.pdbx_ptnr1_label_alt_id 
_struct_conn.pdbx_ptnr1_PDB_ins_code 
_struct_conn.pdbx_ptnr1_standard_comp_id 
_struct_conn.ptnr1_symmetry 
_struct_conn.ptnr2_label_asym_id 
_struct_conn.ptnr2_label_comp_id 
_struct_conn.ptnr2_label_seq_id 
_struct_conn.ptnr2_label_atom_id 
_struct_conn.pdbx_ptnr2_label_alt_id 
_struct_conn.pdbx_ptnr2_PDB_ins_code 
_struct_conn.ptnr1_auth_asym_id 
_struct_conn.ptnr1_auth_comp_id 
_struct_conn.ptnr1_auth_seq_id 
_struct_conn.ptnr2_auth_asym_id 
_struct_conn.ptnr2_auth_comp_id 
_struct_conn.ptnr2_auth_seq_id 
_struct_conn.ptnr2_symmetry 
_struct_conn.pdbx_ptnr3_label_atom_id 
_struct_conn.pdbx_ptnr3_label_seq_id 
_struct_conn.pdbx_ptnr3_label_comp_id 
_struct_conn.pdbx_ptnr3_label_asym_id 
_struct_conn.pdbx_ptnr3_label_alt_id 
_struct_conn.pdbx_ptnr3_PDB_ins_code 
_struct_conn.details 
_struct_conn.pdbx_dist_value 
_struct_conn.pdbx_value_order 
_struct_conn.pdbx_role 
covale1  covale both ? A DT  2 "O3'" ? ? ? 1_555 A JSP 3 P  ? ? A DT  2  A JSP 3  1_555 ? ? ? ? ? ? ?            1.587 ? ? 
covale2  covale one  ? A JSP 3 "O3'" ? ? ? 1_555 A 1W5 4 P  ? ? A JSP 3  A 1W5 4  1_555 ? ? ? ? ? ? ?            1.593 ? ? 
covale3  covale one  ? A 1W5 4 "O3'" ? ? ? 1_555 A 1W5 5 P  ? ? A 1W5 4  A 1W5 5  1_555 ? ? ? ? ? ? ?            1.588 ? ? 
covale4  covale one  ? A 1W5 5 "O3'" ? ? ? 1_555 A 1WA 6 P  ? ? A 1W5 5  A 1WA 6  1_555 ? ? ? ? ? ? ?            1.589 ? ? 
covale5  covale both ? A 1WA 6 "O3'" ? ? ? 1_555 A IGU 7 P  ? ? A 1WA 6  A IGU 7  1_555 ? ? ? ? ? ? ?            1.591 ? ? 
covale6  covale both ? A IGU 7 "O3'" ? ? ? 1_555 A JSP 8 P  ? ? A IGU 7  A JSP 8  1_555 ? ? ? ? ? ? ?            1.594 ? ? 
covale7  covale one  ? A JSP 8 "O3'" ? ? ? 1_555 B IGU 1 P  ? ? A JSP 8  B IGU 9  2_655 ? ? ? ? ? ? ?            1.595 ? ? 
covale8  covale both ? B IGU 1 "O3'" ? ? ? 1_555 B JSP 2 P  ? ? B IGU 9  B JSP 10 1_555 ? ? ? ? ? ? ?            1.592 ? ? 
covale9  covale one  ? B JSP 2 "O3'" ? ? ? 1_555 B 1W5 3 P  ? ? B JSP 10 B 1W5 11 1_555 ? ? ? ? ? ? ?            1.593 ? ? 
covale10 covale one  ? B 1W5 3 "O3'" ? ? ? 1_555 B 1WA 4 P  ? ? B 1W5 11 B 1WA 12 1_555 ? ? ? ? ? ? ?            1.590 ? ? 
covale11 covale both ? B 1WA 4 "O3'" ? ? ? 1_555 B 1WA 5 P  ? ? B 1WA 12 B 1WA 13 1_555 ? ? ? ? ? ? ?            1.590 ? ? 
covale12 covale both ? B 1WA 5 "O3'" ? ? ? 1_555 B IGU 6 P  ? ? B 1WA 13 B IGU 14 1_555 ? ? ? ? ? ? ?            1.593 ? ? 
covale13 covale both ? B IGU 6 "O3'" ? ? ? 1_555 B DA  7 P  ? ? B IGU 14 B DA  15 1_555 ? ? ? ? ? ? ?            1.592 ? ? 
hydrog1  hydrog ?    ? A DC  1 N3    ? ? ? 1_555 B DG  8 N1 ? ? A DC  1  B DG  16 1_555 ? ? ? ? ? ? WATSON-CRICK ?     ? ? 
hydrog2  hydrog ?    ? A DC  1 N4    ? ? ? 1_555 B DG  8 O6 ? ? A DC  1  B DG  16 1_555 ? ? ? ? ? ? WATSON-CRICK ?     ? ? 
hydrog3  hydrog ?    ? A DC  1 O2    ? ? ? 1_555 B DG  8 N2 ? ? A DC  1  B DG  16 1_555 ? ? ? ? ? ? WATSON-CRICK ?     ? ? 
hydrog4  hydrog ?    ? A DT  2 N3    ? ? ? 1_555 B DA  7 N1 ? ? A DT  2  B DA  15 1_555 ? ? ? ? ? ? WATSON-CRICK ?     ? ? 
hydrog5  hydrog ?    ? A DT  2 O4    ? ? ? 1_555 B DA  7 N6 ? ? A DT  2  B DA  15 1_555 ? ? ? ? ? ? WATSON-CRICK ?     ? ? 
# 
loop_
_struct_conn_type.id 
_struct_conn_type.criteria 
_struct_conn_type.reference 
covale ? ? 
hydrog ? ? 
# 
_pdbx_entry_details.entry_id                   8CRZ 
_pdbx_entry_details.has_ligand_of_interest     Y 
_pdbx_entry_details.compound_details           ? 
_pdbx_entry_details.source_details             ? 
_pdbx_entry_details.nonpolymer_details         ? 
_pdbx_entry_details.sequence_details           ? 
_pdbx_entry_details.has_protein_modification   N 
# 
loop_
_chem_comp_atom.comp_id 
_chem_comp_atom.atom_id 
_chem_comp_atom.type_symbol 
_chem_comp_atom.pdbx_aromatic_flag 
_chem_comp_atom.pdbx_stereo_config 
_chem_comp_atom.pdbx_ordinal 
1W5 N      N N N 1   
1W5 P      P N N 2   
1W5 C1     C Y N 3   
1W5 C2     C Y N 4   
1W5 O2     O N N 5   
1W5 N3     N Y N 6   
1W5 C4     C Y N 7   
1W5 N4     N N N 8   
1W5 C5     C Y N 9   
1W5 C6     C Y N 10  
1W5 "C1'"  C N R 11  
1W5 "C2'"  C N N 12  
1W5 "C3'"  C N S 13  
1W5 "O3'"  O N N 14  
1W5 "C4'"  C N R 15  
1W5 "O4'"  O N N 16  
1W5 "C5'"  C N N 17  
1W5 "O5'"  O N N 18  
1W5 ON1    O N N 19  
1W5 ON2    O N N 20  
1W5 OP1    O N N 21  
1W5 OP2    O N N 22  
1W5 OP3    O N N 23  
1W5 H1     H N N 24  
1W5 H2     H N N 25  
1W5 H4     H N N 26  
1W5 H5     H N N 27  
1W5 H6     H N N 28  
1W5 H7     H N N 29  
1W5 H8     H N N 30  
1W5 H9     H N N 31  
1W5 H10    H N N 32  
1W5 H11    H N N 33  
1W5 H12    H N N 34  
1W5 HOP1   H N N 35  
1W5 HOP3   H N N 36  
1W5 H15    H N N 37  
1WA OP3    O N N 38  
1WA P      P N N 39  
1WA N1     N Y N 40  
1WA C2     C Y N 41  
1WA N2     N N N 42  
1WA N3     N Y N 43  
1WA C4     C Y N 44  
1WA N5     N Y N 45  
1WA C6     C Y N 46  
1WA O6     O N N 47  
1WA C7     C Y N 48  
1WA C8     C Y N 49  
1WA N9     N Y N 50  
1WA "C1'"  C N R 51  
1WA "C2'"  C N N 52  
1WA "C3'"  C N S 53  
1WA "O3'"  O N N 54  
1WA "C4'"  C N R 55  
1WA "O4'"  O N N 56  
1WA "C5'"  C N N 57  
1WA "O5'"  O N N 58  
1WA OP1    O N N 59  
1WA OP2    O N N 60  
1WA HOP3   H N N 61  
1WA HN2    H N N 62  
1WA HN2A   H N N 63  
1WA HN3    H N N 64  
1WA H7     H N N 65  
1WA H8     H N N 66  
1WA "H1'"  H N N 67  
1WA "H2'"  H N N 68  
1WA "H2'A" H N N 69  
1WA "H3'"  H N N 70  
1WA "HO3'" H N N 71  
1WA "H4'"  H N N 72  
1WA "H5'"  H N N 73  
1WA "H5'A" H N N 74  
1WA HOP1   H N N 75  
1WA HO6    H N N 76  
DA  OP3    O N N 77  
DA  P      P N N 78  
DA  OP1    O N N 79  
DA  OP2    O N N 80  
DA  "O5'"  O N N 81  
DA  "C5'"  C N N 82  
DA  "C4'"  C N R 83  
DA  "O4'"  O N N 84  
DA  "C3'"  C N S 85  
DA  "O3'"  O N N 86  
DA  "C2'"  C N N 87  
DA  "C1'"  C N R 88  
DA  N9     N Y N 89  
DA  C8     C Y N 90  
DA  N7     N Y N 91  
DA  C5     C Y N 92  
DA  C6     C Y N 93  
DA  N6     N N N 94  
DA  N1     N Y N 95  
DA  C2     C Y N 96  
DA  N3     N Y N 97  
DA  C4     C Y N 98  
DA  HOP3   H N N 99  
DA  HOP2   H N N 100 
DA  "H5'"  H N N 101 
DA  "H5''" H N N 102 
DA  "H4'"  H N N 103 
DA  "H3'"  H N N 104 
DA  "HO3'" H N N 105 
DA  "H2'"  H N N 106 
DA  "H2''" H N N 107 
DA  "H1'"  H N N 108 
DA  H8     H N N 109 
DA  H61    H N N 110 
DA  H62    H N N 111 
DA  H2     H N N 112 
DC  OP3    O N N 113 
DC  P      P N N 114 
DC  OP1    O N N 115 
DC  OP2    O N N 116 
DC  "O5'"  O N N 117 
DC  "C5'"  C N N 118 
DC  "C4'"  C N R 119 
DC  "O4'"  O N N 120 
DC  "C3'"  C N S 121 
DC  "O3'"  O N N 122 
DC  "C2'"  C N N 123 
DC  "C1'"  C N R 124 
DC  N1     N N N 125 
DC  C2     C N N 126 
DC  O2     O N N 127 
DC  N3     N N N 128 
DC  C4     C N N 129 
DC  N4     N N N 130 
DC  C5     C N N 131 
DC  C6     C N N 132 
DC  HOP3   H N N 133 
DC  HOP2   H N N 134 
DC  "H5'"  H N N 135 
DC  "H5''" H N N 136 
DC  "H4'"  H N N 137 
DC  "H3'"  H N N 138 
DC  "HO3'" H N N 139 
DC  "H2'"  H N N 140 
DC  "H2''" H N N 141 
DC  "H1'"  H N N 142 
DC  H41    H N N 143 
DC  H42    H N N 144 
DC  H5     H N N 145 
DC  H6     H N N 146 
DG  OP3    O N N 147 
DG  P      P N N 148 
DG  OP1    O N N 149 
DG  OP2    O N N 150 
DG  "O5'"  O N N 151 
DG  "C5'"  C N N 152 
DG  "C4'"  C N R 153 
DG  "O4'"  O N N 154 
DG  "C3'"  C N S 155 
DG  "O3'"  O N N 156 
DG  "C2'"  C N N 157 
DG  "C1'"  C N R 158 
DG  N9     N Y N 159 
DG  C8     C Y N 160 
DG  N7     N Y N 161 
DG  C5     C Y N 162 
DG  C6     C N N 163 
DG  O6     O N N 164 
DG  N1     N N N 165 
DG  C2     C N N 166 
DG  N2     N N N 167 
DG  N3     N N N 168 
DG  C4     C Y N 169 
DG  HOP3   H N N 170 
DG  HOP2   H N N 171 
DG  "H5'"  H N N 172 
DG  "H5''" H N N 173 
DG  "H4'"  H N N 174 
DG  "H3'"  H N N 175 
DG  "HO3'" H N N 176 
DG  "H2'"  H N N 177 
DG  "H2''" H N N 178 
DG  "H1'"  H N N 179 
DG  H8     H N N 180 
DG  H1     H N N 181 
DG  H21    H N N 182 
DG  H22    H N N 183 
DT  OP3    O N N 184 
DT  P      P N N 185 
DT  OP1    O N N 186 
DT  OP2    O N N 187 
DT  "O5'"  O N N 188 
DT  "C5'"  C N N 189 
DT  "C4'"  C N R 190 
DT  "O4'"  O N N 191 
DT  "C3'"  C N S 192 
DT  "O3'"  O N N 193 
DT  "C2'"  C N N 194 
DT  "C1'"  C N R 195 
DT  N1     N N N 196 
DT  C2     C N N 197 
DT  O2     O N N 198 
DT  N3     N N N 199 
DT  C4     C N N 200 
DT  O4     O N N 201 
DT  C5     C N N 202 
DT  C7     C N N 203 
DT  C6     C N N 204 
DT  HOP3   H N N 205 
DT  HOP2   H N N 206 
DT  "H5'"  H N N 207 
DT  "H5''" H N N 208 
DT  "H4'"  H N N 209 
DT  "H3'"  H N N 210 
DT  "HO3'" H N N 211 
DT  "H2'"  H N N 212 
DT  "H2''" H N N 213 
DT  "H1'"  H N N 214 
DT  H3     H N N 215 
DT  H71    H N N 216 
DT  H72    H N N 217 
DT  H73    H N N 218 
DT  H6     H N N 219 
HOH O      O N N 220 
HOH H1     H N N 221 
HOH H2     H N N 222 
IGU P      P N N 223 
IGU OP1    O N N 224 
IGU OP2    O N N 225 
IGU OP3    O N N 226 
IGU "O5'"  O N N 227 
IGU "C5'"  C N N 228 
IGU "C4'"  C N R 229 
IGU "O4'"  O N N 230 
IGU "C3'"  C N S 231 
IGU "O3'"  O N N 232 
IGU "C2'"  C N N 233 
IGU "C1'"  C N R 234 
IGU N9     N N N 235 
IGU C8     C N N 236 
IGU N7     N N N 237 
IGU C6     C N N 238 
IGU N6     N N N 239 
IGU C5     C N N 240 
IGU N1     N N N 241 
IGU C2     C N N 242 
IGU O2     O N N 243 
IGU N3     N N N 244 
IGU C4     C N N 245 
IGU HOP2   H N N 246 
IGU HOP3   H N N 247 
IGU "H5'"  H N N 248 
IGU "H5''" H N N 249 
IGU "H4'"  H N N 250 
IGU "H3'"  H N N 251 
IGU "HO3'" H N N 252 
IGU "H2'"  H N N 253 
IGU "H2''" H N N 254 
IGU "H1'"  H N N 255 
IGU H8     H N N 256 
IGU HN61   H N N 257 
IGU HN62   H N N 258 
IGU HN1    H N N 259 
JSP C1     C N N 260 
JSP "C1'"  C N R 261 
JSP C2     C N N 262 
JSP "C2'"  C N N 263 
JSP "C3'"  C N S 264 
JSP C4     C N N 265 
JSP "C4'"  C N R 266 
JSP "C5'"  C N N 267 
JSP C6     C N N 268 
JSP C7     C N N 269 
JSP N2     N N N 270 
JSP N3     N N N 271 
JSP N5     N N N 272 
JSP "O3'"  O N N 273 
JSP O4     O N N 274 
JSP "O4'"  O N N 275 
JSP "O5'"  O N N 276 
JSP OP1    O N N 277 
JSP OP2    O N N 278 
JSP P      P N N 279 
JSP H1     H N N 280 
JSP H2     H N N 281 
JSP H3     H N N 282 
JSP H4     H N N 283 
JSP H5     H N N 284 
JSP H6     H N N 285 
JSP H7     H N N 286 
JSP H8     H N N 287 
JSP H9     H N N 288 
JSP H10    H N N 289 
JSP H11    H N N 290 
JSP H12    H N N 291 
JSP H13    H N N 292 
JSP H14    H N N 293 
JSP H16    H N N 294 
JSP OP3    O N N 295 
JSP H15    H N N 296 
# 
loop_
_chem_comp_bond.comp_id 
_chem_comp_bond.atom_id_1 
_chem_comp_bond.atom_id_2 
_chem_comp_bond.value_order 
_chem_comp_bond.pdbx_aromatic_flag 
_chem_comp_bond.pdbx_stereo_config 
_chem_comp_bond.pdbx_ordinal 
1W5 "O3'" "C3'"  sing N N 1   
1W5 N4    C4     sing N N 2   
1W5 "C3'" "C2'"  sing N N 3   
1W5 "C3'" "C4'"  sing N N 4   
1W5 "C2'" "C1'"  sing N N 5   
1W5 N3    C4     doub Y N 6   
1W5 N3    C2     sing Y N 7   
1W5 O2    C2     sing N N 8   
1W5 C4    C5     sing Y N 9   
1W5 C2    C1     doub Y N 10  
1W5 ON1   N      doub N N 11  
1W5 C5    N      sing N N 12  
1W5 C5    C6     doub Y N 13  
1W5 C1    C6     sing Y N 14  
1W5 C1    "C1'"  sing N N 15  
1W5 N     ON2    sing N N 16  
1W5 OP2   P      doub N N 17  
1W5 "C1'" "O4'"  sing N N 18  
1W5 "O5'" P      sing N N 19  
1W5 "O5'" "C5'"  sing N N 20  
1W5 "C4'" "C5'"  sing N N 21  
1W5 "C4'" "O4'"  sing N N 22  
1W5 P     OP1    sing N N 23  
1W5 P     OP3    sing N N 24  
1W5 N4    H1     sing N N 25  
1W5 N4    H2     sing N N 26  
1W5 C6    H4     sing N N 27  
1W5 "C1'" H5     sing N N 28  
1W5 "C2'" H6     sing N N 29  
1W5 "C2'" H7     sing N N 30  
1W5 "C3'" H8     sing N N 31  
1W5 "O3'" H9     sing N N 32  
1W5 "C4'" H10    sing N N 33  
1W5 "C5'" H11    sing N N 34  
1W5 "C5'" H12    sing N N 35  
1W5 OP1   HOP1   sing N N 36  
1W5 OP3   HOP3   sing N N 37  
1W5 O2    H15    sing N N 38  
1WA P     OP3    sing N N 39  
1WA OP3   HOP3   sing N N 40  
1WA OP2   P      doub N N 41  
1WA "O5'" P      sing N N 42  
1WA P     OP1    sing N N 43  
1WA C2    N1     doub Y N 44  
1WA N1    C6     sing Y N 45  
1WA N2    C2     sing N N 46  
1WA C2    N3     sing Y N 47  
1WA N2    HN2    sing N N 48  
1WA N2    HN2A   sing N N 49  
1WA N3    C4     sing Y N 50  
1WA N3    HN3    sing N N 51  
1WA C4    N5     sing Y N 52  
1WA C4    N9     doub Y N 53  
1WA C6    N5     doub Y N 54  
1WA N5    C7     sing Y N 55  
1WA C6    O6     sing N N 56  
1WA C7    C8     doub Y N 57  
1WA C7    H7     sing N N 58  
1WA N9    C8     sing Y N 59  
1WA C8    H8     sing N N 60  
1WA N9    "C1'"  sing N N 61  
1WA "C2'" "C1'"  sing N N 62  
1WA "C1'" "O4'"  sing N N 63  
1WA "C1'" "H1'"  sing N N 64  
1WA "C2'" "C3'"  sing N N 65  
1WA "C2'" "H2'"  sing N N 66  
1WA "C2'" "H2'A" sing N N 67  
1WA "O3'" "C3'"  sing N N 68  
1WA "C3'" "C4'"  sing N N 69  
1WA "C3'" "H3'"  sing N N 70  
1WA "O3'" "HO3'" sing N N 71  
1WA "C4'" "O4'"  sing N N 72  
1WA "C4'" "C5'"  sing N N 73  
1WA "C4'" "H4'"  sing N N 74  
1WA "O5'" "C5'"  sing N N 75  
1WA "C5'" "H5'"  sing N N 76  
1WA "C5'" "H5'A" sing N N 77  
1WA OP1   HOP1   sing N N 78  
1WA O6    HO6    sing N N 79  
DA  OP3   P      sing N N 80  
DA  OP3   HOP3   sing N N 81  
DA  P     OP1    doub N N 82  
DA  P     OP2    sing N N 83  
DA  P     "O5'"  sing N N 84  
DA  OP2   HOP2   sing N N 85  
DA  "O5'" "C5'"  sing N N 86  
DA  "C5'" "C4'"  sing N N 87  
DA  "C5'" "H5'"  sing N N 88  
DA  "C5'" "H5''" sing N N 89  
DA  "C4'" "O4'"  sing N N 90  
DA  "C4'" "C3'"  sing N N 91  
DA  "C4'" "H4'"  sing N N 92  
DA  "O4'" "C1'"  sing N N 93  
DA  "C3'" "O3'"  sing N N 94  
DA  "C3'" "C2'"  sing N N 95  
DA  "C3'" "H3'"  sing N N 96  
DA  "O3'" "HO3'" sing N N 97  
DA  "C2'" "C1'"  sing N N 98  
DA  "C2'" "H2'"  sing N N 99  
DA  "C2'" "H2''" sing N N 100 
DA  "C1'" N9     sing N N 101 
DA  "C1'" "H1'"  sing N N 102 
DA  N9    C8     sing Y N 103 
DA  N9    C4     sing Y N 104 
DA  C8    N7     doub Y N 105 
DA  C8    H8     sing N N 106 
DA  N7    C5     sing Y N 107 
DA  C5    C6     sing Y N 108 
DA  C5    C4     doub Y N 109 
DA  C6    N6     sing N N 110 
DA  C6    N1     doub Y N 111 
DA  N6    H61    sing N N 112 
DA  N6    H62    sing N N 113 
DA  N1    C2     sing Y N 114 
DA  C2    N3     doub Y N 115 
DA  C2    H2     sing N N 116 
DA  N3    C4     sing Y N 117 
DC  OP3   P      sing N N 118 
DC  OP3   HOP3   sing N N 119 
DC  P     OP1    doub N N 120 
DC  P     OP2    sing N N 121 
DC  P     "O5'"  sing N N 122 
DC  OP2   HOP2   sing N N 123 
DC  "O5'" "C5'"  sing N N 124 
DC  "C5'" "C4'"  sing N N 125 
DC  "C5'" "H5'"  sing N N 126 
DC  "C5'" "H5''" sing N N 127 
DC  "C4'" "O4'"  sing N N 128 
DC  "C4'" "C3'"  sing N N 129 
DC  "C4'" "H4'"  sing N N 130 
DC  "O4'" "C1'"  sing N N 131 
DC  "C3'" "O3'"  sing N N 132 
DC  "C3'" "C2'"  sing N N 133 
DC  "C3'" "H3'"  sing N N 134 
DC  "O3'" "HO3'" sing N N 135 
DC  "C2'" "C1'"  sing N N 136 
DC  "C2'" "H2'"  sing N N 137 
DC  "C2'" "H2''" sing N N 138 
DC  "C1'" N1     sing N N 139 
DC  "C1'" "H1'"  sing N N 140 
DC  N1    C2     sing N N 141 
DC  N1    C6     sing N N 142 
DC  C2    O2     doub N N 143 
DC  C2    N3     sing N N 144 
DC  N3    C4     doub N N 145 
DC  C4    N4     sing N N 146 
DC  C4    C5     sing N N 147 
DC  N4    H41    sing N N 148 
DC  N4    H42    sing N N 149 
DC  C5    C6     doub N N 150 
DC  C5    H5     sing N N 151 
DC  C6    H6     sing N N 152 
DG  OP3   P      sing N N 153 
DG  OP3   HOP3   sing N N 154 
DG  P     OP1    doub N N 155 
DG  P     OP2    sing N N 156 
DG  P     "O5'"  sing N N 157 
DG  OP2   HOP2   sing N N 158 
DG  "O5'" "C5'"  sing N N 159 
DG  "C5'" "C4'"  sing N N 160 
DG  "C5'" "H5'"  sing N N 161 
DG  "C5'" "H5''" sing N N 162 
DG  "C4'" "O4'"  sing N N 163 
DG  "C4'" "C3'"  sing N N 164 
DG  "C4'" "H4'"  sing N N 165 
DG  "O4'" "C1'"  sing N N 166 
DG  "C3'" "O3'"  sing N N 167 
DG  "C3'" "C2'"  sing N N 168 
DG  "C3'" "H3'"  sing N N 169 
DG  "O3'" "HO3'" sing N N 170 
DG  "C2'" "C1'"  sing N N 171 
DG  "C2'" "H2'"  sing N N 172 
DG  "C2'" "H2''" sing N N 173 
DG  "C1'" N9     sing N N 174 
DG  "C1'" "H1'"  sing N N 175 
DG  N9    C8     sing Y N 176 
DG  N9    C4     sing Y N 177 
DG  C8    N7     doub Y N 178 
DG  C8    H8     sing N N 179 
DG  N7    C5     sing Y N 180 
DG  C5    C6     sing N N 181 
DG  C5    C4     doub Y N 182 
DG  C6    O6     doub N N 183 
DG  C6    N1     sing N N 184 
DG  N1    C2     sing N N 185 
DG  N1    H1     sing N N 186 
DG  C2    N2     sing N N 187 
DG  C2    N3     doub N N 188 
DG  N2    H21    sing N N 189 
DG  N2    H22    sing N N 190 
DG  N3    C4     sing N N 191 
DT  OP3   P      sing N N 192 
DT  OP3   HOP3   sing N N 193 
DT  P     OP1    doub N N 194 
DT  P     OP2    sing N N 195 
DT  P     "O5'"  sing N N 196 
DT  OP2   HOP2   sing N N 197 
DT  "O5'" "C5'"  sing N N 198 
DT  "C5'" "C4'"  sing N N 199 
DT  "C5'" "H5'"  sing N N 200 
DT  "C5'" "H5''" sing N N 201 
DT  "C4'" "O4'"  sing N N 202 
DT  "C4'" "C3'"  sing N N 203 
DT  "C4'" "H4'"  sing N N 204 
DT  "O4'" "C1'"  sing N N 205 
DT  "C3'" "O3'"  sing N N 206 
DT  "C3'" "C2'"  sing N N 207 
DT  "C3'" "H3'"  sing N N 208 
DT  "O3'" "HO3'" sing N N 209 
DT  "C2'" "C1'"  sing N N 210 
DT  "C2'" "H2'"  sing N N 211 
DT  "C2'" "H2''" sing N N 212 
DT  "C1'" N1     sing N N 213 
DT  "C1'" "H1'"  sing N N 214 
DT  N1    C2     sing N N 215 
DT  N1    C6     sing N N 216 
DT  C2    O2     doub N N 217 
DT  C2    N3     sing N N 218 
DT  N3    C4     sing N N 219 
DT  N3    H3     sing N N 220 
DT  C4    O4     doub N N 221 
DT  C4    C5     sing N N 222 
DT  C5    C7     sing N N 223 
DT  C5    C6     doub N N 224 
DT  C7    H71    sing N N 225 
DT  C7    H72    sing N N 226 
DT  C7    H73    sing N N 227 
DT  C6    H6     sing N N 228 
HOH O     H1     sing N N 229 
HOH O     H2     sing N N 230 
IGU P     OP1    doub N N 231 
IGU P     OP2    sing N N 232 
IGU P     OP3    sing N N 233 
IGU P     "O5'"  sing N N 234 
IGU OP2   HOP2   sing N N 235 
IGU OP3   HOP3   sing N N 236 
IGU "O5'" "C5'"  sing N N 237 
IGU "C5'" "C4'"  sing N N 238 
IGU "C5'" "H5'"  sing N N 239 
IGU "C5'" "H5''" sing N N 240 
IGU "C4'" "O4'"  sing N N 241 
IGU "C4'" "C3'"  sing N N 242 
IGU "C4'" "H4'"  sing N N 243 
IGU "O4'" "C1'"  sing N N 244 
IGU "C3'" "O3'"  sing N N 245 
IGU "C3'" "C2'"  sing N N 246 
IGU "C3'" "H3'"  sing N N 247 
IGU "O3'" "HO3'" sing N N 248 
IGU "C2'" "C1'"  sing N N 249 
IGU "C2'" "H2'"  sing N N 250 
IGU "C2'" "H2''" sing N N 251 
IGU "C1'" N9     sing N N 252 
IGU "C1'" "H1'"  sing N N 253 
IGU N9    C8     sing N N 254 
IGU N9    C4     sing N N 255 
IGU C8    N7     doub N N 256 
IGU C8    H8     sing N N 257 
IGU N7    C5     sing N N 258 
IGU C6    N6     sing N N 259 
IGU C6    C5     doub N N 260 
IGU C6    N1     sing N N 261 
IGU N6    HN61   sing N N 262 
IGU N6    HN62   sing N N 263 
IGU C5    C4     sing N N 264 
IGU N1    C2     sing N N 265 
IGU C2    O2     doub N N 266 
IGU C2    N3     sing N N 267 
IGU N3    C4     doub N N 268 
IGU N1    HN1    sing N N 269 
JSP "O3'" "C3'"  sing N N 270 
JSP "O5'" P      sing N N 271 
JSP "O5'" "C5'"  sing N N 272 
JSP "C3'" "C4'"  sing N N 273 
JSP "C3'" "C2'"  sing N N 274 
JSP OP2   P      sing N N 275 
JSP OP1   P      doub N N 276 
JSP "C4'" "C5'"  sing N N 277 
JSP "C4'" "O4'"  sing N N 278 
JSP "C2'" "C1'"  sing N N 279 
JSP "O4'" "C1'"  sing N N 280 
JSP "C1'" C1     sing N N 281 
JSP C1    C6     doub N N 282 
JSP C1    C2     sing N N 283 
JSP C6    N5     sing N N 284 
JSP N2    C2     sing N N 285 
JSP C2    N3     doub N N 286 
JSP N5    C7     sing N N 287 
JSP N5    C4     sing N N 288 
JSP N3    C4     sing N N 289 
JSP C4    O4     doub N N 290 
JSP "C1'" H1     sing N N 291 
JSP "C2'" H2     sing N N 292 
JSP "C2'" H3     sing N N 293 
JSP "C3'" H4     sing N N 294 
JSP "C4'" H5     sing N N 295 
JSP "C5'" H6     sing N N 296 
JSP "C5'" H7     sing N N 297 
JSP C6    H8     sing N N 298 
JSP C7    H9     sing N N 299 
JSP C7    H10    sing N N 300 
JSP C7    H11    sing N N 301 
JSP N2    H12    sing N N 302 
JSP N2    H13    sing N N 303 
JSP "O3'" H14    sing N N 304 
JSP OP2   H16    sing N N 305 
JSP P     OP3    sing N N 306 
JSP OP3   H15    sing N N 307 
# 
loop_
_ndb_struct_na_base_pair.model_number 
_ndb_struct_na_base_pair.i_label_asym_id 
_ndb_struct_na_base_pair.i_label_comp_id 
_ndb_struct_na_base_pair.i_label_seq_id 
_ndb_struct_na_base_pair.i_symmetry 
_ndb_struct_na_base_pair.j_label_asym_id 
_ndb_struct_na_base_pair.j_label_comp_id 
_ndb_struct_na_base_pair.j_label_seq_id 
_ndb_struct_na_base_pair.j_symmetry 
_ndb_struct_na_base_pair.shear 
_ndb_struct_na_base_pair.stretch 
_ndb_struct_na_base_pair.stagger 
_ndb_struct_na_base_pair.buckle 
_ndb_struct_na_base_pair.propeller 
_ndb_struct_na_base_pair.opening 
_ndb_struct_na_base_pair.pair_number 
_ndb_struct_na_base_pair.pair_name 
_ndb_struct_na_base_pair.i_auth_asym_id 
_ndb_struct_na_base_pair.i_auth_seq_id 
_ndb_struct_na_base_pair.i_PDB_ins_code 
_ndb_struct_na_base_pair.j_auth_asym_id 
_ndb_struct_na_base_pair.j_auth_seq_id 
_ndb_struct_na_base_pair.j_PDB_ins_code 
_ndb_struct_na_base_pair.hbond_type_28 
_ndb_struct_na_base_pair.hbond_type_12 
1 A DC 1 1_555 B DG 8 1_555 0.183  -0.167 0.060 -6.535 -13.736 0.068 1 A_DC1:DG16_B A 1 ? B 16 ? 19 1 
1 A DT 2 1_555 B DA 7 1_555 -0.087 -0.131 0.161 1.192  -7.874  1.019 2 A_DT2:DA15_B A 2 ? B 15 ? 20 1 
# 
_ndb_struct_na_base_pair_step.model_number        1 
_ndb_struct_na_base_pair_step.i_label_asym_id_1   A 
_ndb_struct_na_base_pair_step.i_label_comp_id_1   DC 
_ndb_struct_na_base_pair_step.i_label_seq_id_1    1 
_ndb_struct_na_base_pair_step.i_symmetry_1        1_555 
_ndb_struct_na_base_pair_step.j_label_asym_id_1   B 
_ndb_struct_na_base_pair_step.j_label_comp_id_1   DG 
_ndb_struct_na_base_pair_step.j_label_seq_id_1    8 
_ndb_struct_na_base_pair_step.j_symmetry_1        1_555 
_ndb_struct_na_base_pair_step.i_label_asym_id_2   A 
_ndb_struct_na_base_pair_step.i_label_comp_id_2   DT 
_ndb_struct_na_base_pair_step.i_label_seq_id_2    2 
_ndb_struct_na_base_pair_step.i_symmetry_2        1_555 
_ndb_struct_na_base_pair_step.j_label_asym_id_2   B 
_ndb_struct_na_base_pair_step.j_label_comp_id_2   DA 
_ndb_struct_na_base_pair_step.j_label_seq_id_2    7 
_ndb_struct_na_base_pair_step.j_symmetry_2        1_555 
_ndb_struct_na_base_pair_step.shift               0.126 
_ndb_struct_na_base_pair_step.slide               -0.938 
_ndb_struct_na_base_pair_step.rise                3.165 
_ndb_struct_na_base_pair_step.tilt                -0.349 
_ndb_struct_na_base_pair_step.roll                6.019 
_ndb_struct_na_base_pair_step.twist               33.094 
_ndb_struct_na_base_pair_step.x_displacement      -2.549 
_ndb_struct_na_base_pair_step.y_displacement      -0.271 
_ndb_struct_na_base_pair_step.helical_rise        2.952 
_ndb_struct_na_base_pair_step.inclination         10.459 
_ndb_struct_na_base_pair_step.tip                 0.606 
_ndb_struct_na_base_pair_step.helical_twist       33.624 
_ndb_struct_na_base_pair_step.step_number         1 
_ndb_struct_na_base_pair_step.step_name           AA_DC1DT2:DA15DG16_BB 
_ndb_struct_na_base_pair_step.i_auth_asym_id_1    A 
_ndb_struct_na_base_pair_step.i_auth_seq_id_1     1 
_ndb_struct_na_base_pair_step.i_PDB_ins_code_1    ? 
_ndb_struct_na_base_pair_step.j_auth_asym_id_1    B 
_ndb_struct_na_base_pair_step.j_auth_seq_id_1     16 
_ndb_struct_na_base_pair_step.j_PDB_ins_code_1    ? 
_ndb_struct_na_base_pair_step.i_auth_asym_id_2    A 
_ndb_struct_na_base_pair_step.i_auth_seq_id_2     2 
_ndb_struct_na_base_pair_step.i_PDB_ins_code_2    ? 
_ndb_struct_na_base_pair_step.j_auth_asym_id_2    B 
_ndb_struct_na_base_pair_step.j_auth_seq_id_2     15 
_ndb_struct_na_base_pair_step.j_PDB_ins_code_2    ? 
# 
_pdbx_audit_support.funding_organization   'National Science Foundation (NSF, United States)' 
_pdbx_audit_support.country                'United States' 
_pdbx_audit_support.grant_number           1939086 
_pdbx_audit_support.ordinal                1 
# 
_atom_sites.entry_id                    8CRZ 
_atom_sites.Cartn_transf_matrix[1][1]   ? 
_atom_sites.Cartn_transf_matrix[1][2]   ? 
_atom_sites.Cartn_transf_matrix[1][3]   ? 
_atom_sites.Cartn_transf_matrix[2][1]   ? 
_atom_sites.Cartn_transf_matrix[2][2]   ? 
_atom_sites.Cartn_transf_matrix[2][3]   ? 
_atom_sites.Cartn_transf_matrix[3][1]   ? 
_atom_sites.Cartn_transf_matrix[3][2]   ? 
_atom_sites.Cartn_transf_matrix[3][3]   ? 
_atom_sites.Cartn_transf_vector[1]      ? 
_atom_sites.Cartn_transf_vector[2]      ? 
_atom_sites.Cartn_transf_vector[3]      ? 
_atom_sites.fract_transf_matrix[1][1]   -0.00653860 
_atom_sites.fract_transf_matrix[1][2]   -0.01841007 
_atom_sites.fract_transf_matrix[1][3]   0.00899261 
_atom_sites.fract_transf_matrix[2][1]   -0.01761519 
_atom_sites.fract_transf_matrix[2][2]   0.00987213 
_atom_sites.fract_transf_matrix[2][3]   0.00740252 
_atom_sites.fract_transf_matrix[3][1]   -0.01146132 
_atom_sites.fract_transf_matrix[3][2]   -0.00560211 
_atom_sites.fract_transf_matrix[3][3]   -0.01980252 
_atom_sites.fract_transf_vector[1]      0.309056 
_atom_sites.fract_transf_vector[2]      -0.112748 
_atom_sites.fract_transf_vector[3]      0.250870 
_atom_sites.solution_primary            ? 
_atom_sites.solution_secondary          ? 
_atom_sites.solution_hydrogens          ? 
_atom_sites.special_details             ? 
# 
loop_
_atom_type.symbol 
C 
N 
O 
P 
# 
loop_
_atom_site.group_PDB 
_atom_site.id 
_atom_site.type_symbol 
_atom_site.label_atom_id 
_atom_site.label_alt_id 
_atom_site.label_comp_id 
_atom_site.label_asym_id 
_atom_site.label_entity_id 
_atom_site.label_seq_id 
_atom_site.pdbx_PDB_ins_code 
_atom_site.Cartn_x 
_atom_site.Cartn_y 
_atom_site.Cartn_z 
_atom_site.occupancy 
_atom_site.B_iso_or_equiv 
_atom_site.pdbx_formal_charge 
_atom_site.auth_seq_id 
_atom_site.auth_comp_id 
_atom_site.auth_asym_id 
_atom_site.auth_atom_id 
_atom_site.pdbx_PDB_model_num 
ATOM   1   O "O5'" . DC  A 1 1 ? 9.646   -5.367  -8.448  1.00 21.19 ? 1   DC  A "O5'" 1 
ATOM   2   C "C5'" . DC  A 1 1 ? 10.707  -6.287  -8.592  1.00 18.05 ? 1   DC  A "C5'" 1 
ATOM   3   C "C4'" . DC  A 1 1 ? 11.750  -6.111  -7.500  1.00 17.89 ? 1   DC  A "C4'" 1 
ATOM   4   O "O4'" . DC  A 1 1 ? 12.299  -4.771  -7.558  1.00 15.31 ? 1   DC  A "O4'" 1 
ATOM   5   C "C3'" . DC  A 1 1 ? 11.232  -6.269  -6.081  1.00 16.21 ? 1   DC  A "C3'" 1 
ATOM   6   O "O3'" . DC  A 1 1 ? 11.287  -7.626  -5.679  1.00 17.43 ? 1   DC  A "O3'" 1 
ATOM   7   C "C2'" . DC  A 1 1 ? 12.181  -5.398  -5.280  1.00 15.70 ? 1   DC  A "C2'" 1 
ATOM   8   C "C1'" . DC  A 1 1 ? 12.507  -4.272  -6.248  1.00 14.61 ? 1   DC  A "C1'" 1 
ATOM   9   N N1    . DC  A 1 1 ? 11.682  -3.071  -6.062  1.00 13.35 ? 1   DC  A N1    1 
ATOM   10  C C2    . DC  A 1 1 ? 11.978  -2.224  -5.009  1.00 13.60 ? 1   DC  A C2    1 
ATOM   11  O O2    . DC  A 1 1 ? 12.889  -2.528  -4.250  1.00 13.44 ? 1   DC  A O2    1 
ATOM   12  N N3    . DC  A 1 1 ? 11.245  -1.107  -4.836  1.00 14.14 ? 1   DC  A N3    1 
ATOM   13  C C4    . DC  A 1 1 ? 10.258  -0.820  -5.684  1.00 14.63 ? 1   DC  A C4    1 
ATOM   14  N N4    . DC  A 1 1 ? 9.566   0.300   -5.477  1.00 15.73 ? 1   DC  A N4    1 
ATOM   15  C C5    . DC  A 1 1 ? 9.936   -1.676  -6.779  1.00 15.10 ? 1   DC  A C5    1 
ATOM   16  C C6    . DC  A 1 1 ? 10.674  -2.778  -6.935  1.00 14.67 ? 1   DC  A C6    1 
ATOM   17  P P     . DT  A 1 2 ? 10.142  -8.257  -4.741  1.00 19.14 ? 2   DT  A P     1 
ATOM   18  O OP1   . DT  A 1 2 ? 10.345  -9.721  -4.713  1.00 21.80 ? 2   DT  A OP1   1 
ATOM   19  O OP2   . DT  A 1 2 ? 8.836   -7.722  -5.129  1.00 18.45 ? 2   DT  A OP2   1 
ATOM   20  O "O5'" . DT  A 1 2 ? 10.442  -7.679  -3.292  1.00 18.22 ? 2   DT  A "O5'" 1 
ATOM   21  C "C5'" . DT  A 1 2 ? 11.632  -8.018  -2.642  1.00 17.42 ? 2   DT  A "C5'" 1 
ATOM   22  C "C4'" . DT  A 1 2 ? 11.816  -7.173  -1.409  1.00 17.11 ? 2   DT  A "C4'" 1 
ATOM   23  O "O4'" . DT  A 1 2 ? 12.045  -5.802  -1.793  1.00 16.91 ? 2   DT  A "O4'" 1 
ATOM   24  C "C3'" . DT  A 1 2 ? 10.615  -7.124  -0.493  1.00 17.19 ? 2   DT  A "C3'" 1 
ATOM   25  O "O3'" . DT  A 1 2 ? 10.623  -8.267  0.380   1.00 17.99 ? 2   DT  A "O3'" 1 
ATOM   26  C "C2'" . DT  A 1 2 ? 10.813  -5.813  0.238   1.00 17.44 ? 2   DT  A "C2'" 1 
ATOM   27  C "C1'" . DT  A 1 2 ? 11.469  -4.937  -0.823  1.00 15.99 ? 2   DT  A "C1'" 1 
ATOM   28  N N1    . DT  A 1 2 ? 10.522  -4.020  -1.501  1.00 14.35 ? 2   DT  A N1    1 
ATOM   29  C C2    . DT  A 1 2 ? 10.308  -2.781  -0.954  1.00 14.59 ? 2   DT  A C2    1 
ATOM   30  O O2    . DT  A 1 2 ? 10.856  -2.402  0.061   1.00 16.94 ? 2   DT  A O2    1 
ATOM   31  N N3    . DT  A 1 2 ? 9.428   -1.998  -1.629  1.00 14.94 ? 2   DT  A N3    1 
ATOM   32  C C4    . DT  A 1 2 ? 8.744   -2.313  -2.779  1.00 14.61 ? 2   DT  A C4    1 
ATOM   33  O O4    . DT  A 1 2 ? 7.975   -1.525  -3.314  1.00 15.26 ? 2   DT  A O4    1 
ATOM   34  C C5    . DT  A 1 2 ? 8.990   -3.634  -3.302  1.00 16.38 ? 2   DT  A C5    1 
ATOM   35  C C7    . DT  A 1 2 ? 8.291   -4.082  -4.551  1.00 17.68 ? 2   DT  A C7    1 
ATOM   36  C C6    . DT  A 1 2 ? 9.856   -4.425  -2.640  1.00 15.32 ? 2   DT  A C6    1 
HETATM 37  C C1    . JSP A 1 3 ? 7.218   -2.613  1.301   1.00 16.60 ? 3   JSP A C1    1 
HETATM 38  C "C1'" . JSP A 1 3 ? 8.062   -3.289  2.436   1.00 16.89 ? 3   JSP A "C1'" 1 
HETATM 39  C C2    . JSP A 1 3 ? 6.856   -1.311  1.299   1.00 14.81 ? 3   JSP A C2    1 
HETATM 40  C "C2'" . JSP A 1 3 ? 7.297   -3.415  3.758   1.00 18.48 ? 3   JSP A "C2'" 1 
HETATM 41  C "C3'" . JSP A 1 3 ? 6.839   -4.868  3.717   1.00 17.03 ? 3   JSP A "C3'" 1 
HETATM 42  C C4    . JSP A 1 3 ? 5.755   -1.484  -0.644  1.00 16.54 ? 3   JSP A C4    1 
HETATM 43  C "C4'" . JSP A 1 3 ? 8.072   -5.513  3.116   1.00 18.30 ? 3   JSP A "C4'" 1 
HETATM 44  C "C5'" . JSP A 1 3 ? 7.880   -6.920  2.600   1.00 19.55 ? 3   JSP A "C5'" 1 
HETATM 45  C C6    . JSP A 1 3 ? 6.818   -3.370  0.271   1.00 16.90 ? 3   JSP A C6    1 
HETATM 46  C C7    . JSP A 1 3 ? 5.615   -3.575  -1.866  1.00 18.92 ? 3   JSP A C7    1 
HETATM 47  N N2    . JSP A 1 3 ? 7.242   -0.602  2.278   1.00 16.15 ? 3   JSP A N2    1 
HETATM 48  N N3    . JSP A 1 3 ? 6.159   -0.801  0.358   1.00 15.16 ? 3   JSP A N3    1 
HETATM 49  N N5    . JSP A 1 3 ? 6.086   -2.810  -0.720  1.00 17.71 ? 3   JSP A N5    1 
HETATM 50  O "O3'" . JSP A 1 3 ? 6.603   -5.398  5.036   1.00 20.46 ? 3   JSP A "O3'" 1 
HETATM 51  O O4    . JSP A 1 3 ? 5.094   -0.990  -1.540  1.00 16.22 ? 3   JSP A O4    1 
HETATM 52  O "O4'" . JSP A 1 3 ? 8.394   -4.612  2.039   1.00 18.08 ? 3   JSP A "O4'" 1 
HETATM 53  O "O5'" . JSP A 1 3 ? 9.147   -7.416  2.182   1.00 20.04 ? 3   JSP A "O5'" 1 
HETATM 54  O OP1   . JSP A 1 3 ? 9.658   -9.863  2.016   1.00 22.78 ? 3   JSP A OP1   1 
HETATM 55  O OP2   . JSP A 1 3 ? 8.191   -8.709  0.264   1.00 18.38 ? 3   JSP A OP2   1 
HETATM 56  P P     . JSP A 1 3 ? 9.326   -8.669  1.202   1.00 19.08 ? 3   JSP A P     1 
HETATM 57  N N     . 1W5 A 1 4 ? 3.481   -2.918  1.323   1.00 19.30 ? 4   1W5 A N     1 
HETATM 58  P P     . 1W5 A 1 4 ? 5.131   -5.497  5.637   1.00 18.11 ? 4   1W5 A P     1 
HETATM 59  C C1    . 1W5 A 1 4 ? 3.756   -0.385  3.943   1.00 15.61 ? 4   1W5 A C1    1 
HETATM 60  C C2    . 1W5 A 1 4 ? 3.077   0.742   3.345   1.00 14.57 ? 4   1W5 A C2    1 
HETATM 61  O O2    . 1W5 A 1 4 ? 2.915   1.792   3.865   1.00 13.85 ? 4   1W5 A O2    1 
HETATM 62  N N3    . 1W5 A 1 4 ? 2.558   0.518   2.053   1.00 12.85 ? 4   1W5 A N3    1 
HETATM 63  C C4    . 1W5 A 1 4 ? 2.650   -0.616  1.344   1.00 16.40 ? 4   1W5 A C4    1 
HETATM 64  N N4    . 1W5 A 1 4 ? 2.096   -0.610  0.124   1.00 15.69 ? 4   1W5 A N4    1 
HETATM 65  C C5    . 1W5 A 1 4 ? 3.314   -1.668  1.950   1.00 17.37 ? 4   1W5 A C5    1 
HETATM 66  C C6    . 1W5 A 1 4 ? 3.856   -1.516  3.261   1.00 17.15 ? 4   1W5 A C6    1 
HETATM 67  C "C1'" . 1W5 A 1 4 ? 4.331   -0.185  5.246   1.00 15.90 ? 4   1W5 A "C1'" 1 
HETATM 68  C "C2'" . 1W5 A 1 4 ? 3.274   -0.292  6.315   1.00 16.80 ? 4   1W5 A "C2'" 1 
HETATM 69  C "C3'" . 1W5 A 1 4 ? 3.388   -1.712  6.873   1.00 15.63 ? 4   1W5 A "C3'" 1 
HETATM 70  O "O3'" . 1W5 A 1 4 ? 2.922   -1.773  8.245   1.00 15.17 ? 4   1W5 A "O3'" 1 
HETATM 71  C "C4'" . 1W5 A 1 4 ? 4.891   -1.828  6.883   1.00 16.46 ? 4   1W5 A "C4'" 1 
HETATM 72  O "O4'" . 1W5 A 1 4 ? 5.273   -1.239  5.618   1.00 15.56 ? 4   1W5 A "O4'" 1 
HETATM 73  C "C5'" . 1W5 A 1 4 ? 5.342   -3.280  6.997   1.00 16.55 ? 4   1W5 A "C5'" 1 
HETATM 74  O "O5'" . 1W5 A 1 4 ? 4.747   -3.954  5.908   1.00 16.39 ? 4   1W5 A "O5'" 1 
HETATM 75  O ON1   . 1W5 A 1 4 ? 4.011   -3.812  1.948   1.00 29.90 ? 4   1W5 A ON1   1 
HETATM 76  O ON2   . 1W5 A 1 4 ? 3.082   -3.040  0.205   1.00 27.29 ? 4   1W5 A ON2   1 
HETATM 77  O OP1   . 1W5 A 1 4 ? 5.218   -6.137  6.970   1.00 20.86 ? 4   1W5 A OP1   1 
HETATM 78  O OP2   . 1W5 A 1 4 ? 4.215   -6.063  4.599   1.00 19.56 ? 4   1W5 A OP2   1 
HETATM 79  N N     . 1W5 A 1 5 ? 0.194   -1.790  3.424   1.00 18.61 ? 5   1W5 A N     1 
HETATM 80  P P     . 1W5 A 1 5 ? 1.448   -2.248  8.595   1.00 14.96 ? 5   1W5 A P     1 
HETATM 81  C C1    . 1W5 A 1 5 ? -0.623  1.443   5.012   1.00 13.82 ? 5   1W5 A C1    1 
HETATM 82  C C2    . 1W5 A 1 5 ? -1.285  2.145   3.935   1.00 12.02 ? 5   1W5 A C2    1 
HETATM 83  O O2    . 1W5 A 1 5 ? -1.754  3.233   3.988   1.00 12.36 ? 5   1W5 A O2    1 
HETATM 84  N N3    . 1W5 A 1 5 ? -1.396  1.423   2.737   1.00 12.15 ? 5   1W5 A N3    1 
HETATM 85  C C4    . 1W5 A 1 5 ? -0.954  0.165   2.511   1.00 12.32 ? 5   1W5 A C4    1 
HETATM 86  N N4    . 1W5 A 1 5 ? -1.166  -0.338  1.292   1.00 13.69 ? 5   1W5 A N4    1 
HETATM 87  C C5    . 1W5 A 1 5 ? -0.319  -0.476  3.560   1.00 16.03 ? 5   1W5 A C5    1 
HETATM 88  C C6    . 1W5 A 1 5 ? -0.161  0.208   4.804   1.00 15.55 ? 5   1W5 A C6    1 
HETATM 89  C "C1'" . 1W5 A 1 5 ? -0.450  2.198   6.225   1.00 14.70 ? 5   1W5 A "C1'" 1 
HETATM 90  C "C2'" . 1W5 A 1 5 ? -1.689  2.189   7.080   1.00 14.87 ? 5   1W5 A "C2'" 1 
HETATM 91  C "C3'" . 1W5 A 1 5 ? -1.496  1.046   8.074   1.00 14.26 ? 5   1W5 A "C3'" 1 
HETATM 92  O "O3'" . 1W5 A 1 5 ? -2.337  1.244   9.231   1.00 13.44 ? 5   1W5 A "O3'" 1 
HETATM 93  C "C4'" . 1W5 A 1 5 ? -0.051  1.326   8.415   1.00 14.00 ? 5   1W5 A "C4'" 1 
HETATM 94  O "O4'" . 1W5 A 1 5 ? 0.535   1.605   7.122   1.00 15.03 ? 5   1W5 A "O4'" 1 
HETATM 95  C "C5'" . 1W5 A 1 5 ? 0.659   0.163   9.118   1.00 14.62 ? 5   1W5 A "C5'" 1 
HETATM 96  O "O5'" . 1W5 A 1 5 ? 0.540   -0.954  8.272   1.00 13.87 ? 5   1W5 A "O5'" 1 
HETATM 97  O ON1   . 1W5 A 1 5 ? 0.072   -2.363  2.366   1.00 27.29 ? 5   1W5 A ON1   1 
HETATM 98  O ON2   . 1W5 A 1 5 ? 0.719   -2.275  4.385   1.00 29.90 ? 5   1W5 A ON2   1 
HETATM 99  O OP1   . 1W5 A 1 5 ? 1.422   -2.460  10.049  1.00 16.97 ? 5   1W5 A OP1   1 
HETATM 100 O OP2   . 1W5 A 1 5 ? 1.001   -3.332  7.697   1.00 16.84 ? 5   1W5 A OP2   1 
HETATM 101 P P     . 1WA A 1 6 ? -3.782  0.585   9.295   1.00 13.03 ? 6   1WA A P     1 
HETATM 102 N N1    . 1WA A 1 6 ? -6.082  1.401   0.676   1.00 11.18 ? 6   1WA A N1    1 
HETATM 103 C C2    . 1WA A 1 6 ? -6.692  2.449   1.171   1.00 11.39 ? 6   1WA A C2    1 
HETATM 104 N N2    . 1WA A 1 6 ? -7.527  3.124   0.363   1.00 11.92 ? 6   1WA A N2    1 
HETATM 105 N N3    . 1WA A 1 6 ? -6.591  2.952   2.431   1.00 11.59 ? 6   1WA A N3    1 
HETATM 106 C C4    . 1WA A 1 6 ? -5.797  2.251   3.185   1.00 11.56 ? 6   1WA A C4    1 
HETATM 107 N N5    . 1WA A 1 6 ? -5.139  1.160   2.802   1.00 11.57 ? 6   1WA A N5    1 
HETATM 108 C C6    . 1WA A 1 6 ? -5.254  0.682   1.461   1.00 11.57 ? 6   1WA A C6    1 
HETATM 109 O O6    . 1WA A 1 6 ? -4.639  -0.279  1.153   1.00 12.26 ? 6   1WA A O6    1 
HETATM 110 C C7    . 1WA A 1 6 ? -4.393  0.659   3.879   1.00 11.70 ? 6   1WA A C7    1 
HETATM 111 C C8    . 1WA A 1 6 ? -4.615  1.458   4.912   1.00 12.91 ? 6   1WA A C8    1 
HETATM 112 N N9    . 1WA A 1 6 ? -5.484  2.453   4.477   1.00 12.06 ? 6   1WA A N9    1 
HETATM 113 C "C1'" . 1WA A 1 6 ? -5.970  3.566   5.291   1.00 13.58 ? 6   1WA A "C1'" 1 
HETATM 114 C "C2'" . 1WA A 1 6 ? -7.367  3.397   5.832   1.00 13.94 ? 6   1WA A "C2'" 1 
HETATM 115 C "C3'" . 1WA A 1 6 ? -7.042  2.671   7.130   1.00 13.66 ? 6   1WA A "C3'" 1 
HETATM 116 O "O3'" . 1WA A 1 6 ? -8.199  2.729   7.997   1.00 16.09 ? 6   1WA A "O3'" 1 
HETATM 117 C "C4'" . 1WA A 1 6 ? -5.840  3.458   7.618   1.00 15.33 ? 6   1WA A "C4'" 1 
HETATM 118 O "O4'" . 1WA A 1 6 ? -5.079  3.655   6.407   1.00 13.93 ? 6   1WA A "O4'" 1 
HETATM 119 C "C5'" . 1WA A 1 6 ? -5.014  2.804   8.690   1.00 15.65 ? 6   1WA A "C5'" 1 
HETATM 120 O "O5'" . 1WA A 1 6 ? -4.637  1.481   8.297   1.00 13.16 ? 6   1WA A "O5'" 1 
HETATM 121 O OP1   . 1WA A 1 6 ? -4.275  0.689   10.668  1.00 13.34 ? 6   1WA A OP1   1 
HETATM 122 O OP2   . 1WA A 1 6 ? -3.760  -0.750  8.641   1.00 14.28 ? 6   1WA A OP2   1 
HETATM 123 P P     . IGU A 1 7 ? -9.254  1.540   8.023   1.00 16.48 ? 7   IGU A P     1 
HETATM 124 O OP1   . IGU A 1 7 ? -10.207 1.806   9.085   1.00 19.13 ? 7   IGU A OP1   1 
HETATM 125 O OP2   . IGU A 1 7 ? -8.578  0.250   7.962   1.00 18.36 ? 7   IGU A OP2   1 
HETATM 126 O "O5'" . IGU A 1 7 ? -10.023 1.672   6.636   1.00 14.32 ? 7   IGU A "O5'" 1 
HETATM 127 C "C5'" . IGU A 1 7 ? -10.859 2.792   6.361   1.00 16.69 ? 7   IGU A "C5'" 1 
HETATM 128 C "C4'" . IGU A 1 7 ? -11.320 2.766   4.937   1.00 14.02 ? 7   IGU A "C4'" 1 
HETATM 129 O "O4'" . IGU A 1 7 ? -10.185 2.772   4.066   1.00 12.78 ? 7   IGU A "O4'" 1 
HETATM 130 C "C3'" . IGU A 1 7 ? -12.104 1.552   4.469   1.00 12.95 ? 7   IGU A "C3'" 1 
HETATM 131 O "O3'" . IGU A 1 7 ? -13.464 1.637   4.924   1.00 14.62 ? 7   IGU A "O3'" 1 
HETATM 132 C "C2'" . IGU A 1 7 ? -11.950 1.690   2.951   1.00 13.89 ? 7   IGU A "C2'" 1 
HETATM 133 C "C1'" . IGU A 1 7 ? -10.466 1.986   2.909   1.00 13.49 ? 7   IGU A "C1'" 1 
HETATM 134 N N9    . IGU A 1 7 ? -9.533  0.934   2.691   1.00 11.65 ? 7   IGU A N9    1 
HETATM 135 C C8    . IGU A 1 7 ? -8.703  0.443   3.535   1.00 12.91 ? 7   IGU A C8    1 
HETATM 136 N N7    . IGU A 1 7 ? -7.984  -0.498  3.069   1.00 11.92 ? 7   IGU A N7    1 
HETATM 137 C C6    . IGU A 1 7 ? -8.005  -1.498  0.858   1.00 11.36 ? 7   IGU A C6    1 
HETATM 138 N N6    . IGU A 1 7 ? -7.096  -2.382  0.929   1.00 12.78 ? 7   IGU A N6    1 
HETATM 139 C C5    . IGU A 1 7 ? -8.392  -0.647  1.859   1.00 11.47 ? 7   IGU A C5    1 
HETATM 140 N N1    . IGU A 1 7 ? -8.653  -1.366  -0.316  1.00 11.21 ? 7   IGU A N1    1 
HETATM 141 C C2    . IGU A 1 7 ? -9.643  -0.438  -0.489  1.00 11.48 ? 7   IGU A C2    1 
HETATM 142 O O2    . IGU A 1 7 ? -10.182 -0.422  -1.573  1.00 12.68 ? 7   IGU A O2    1 
HETATM 143 N N3    . IGU A 1 7 ? -9.970  0.347   0.481   1.00 11.96 ? 7   IGU A N3    1 
HETATM 144 C C4    . IGU A 1 7 ? -9.386  0.256   1.618   1.00 11.33 ? 7   IGU A C4    1 
HETATM 145 C C1    . JSP A 1 8 ? -12.960 -1.896  0.223   1.00 12.15 ? 8   JSP A C1    1 
HETATM 146 C "C1'" . JSP A 1 8 ? -14.140 -0.984  -0.274  1.00 12.34 ? 8   JSP A "C1'" 1 
HETATM 147 C C2    . JSP A 1 8 ? -12.299 -2.820  -0.542  1.00 10.57 ? 8   JSP A C2    1 
HETATM 148 C "C2'" . JSP A 1 8 ? -15.463 -1.721  -0.254  1.00 12.94 ? 8   JSP A "C2'" 1 
HETATM 149 C "C3'" . JSP A 1 8 ? -15.942 -1.347  1.137   1.00 11.62 ? 8   JSP A "C3'" 1 
HETATM 150 C C4    . JSP A 1 8 ? -10.935 -3.417  1.157   1.00 10.26 ? 8   JSP A C4    1 
HETATM 151 C "C4'" . JSP A 1 8 ? -15.581 0.131   1.193   1.00 15.46 ? 8   JSP A "C4'" 1 
HETATM 152 C "C5'" . JSP A 1 8 ? -15.489 0.753   2.573   1.00 15.16 ? 8   JSP A "C5'" 1 
HETATM 153 C C6    . JSP A 1 8 ? -12.596 -1.764  1.508   1.00 12.41 ? 8   JSP A C6    1 
HETATM 154 C C7    . JSP A 1 8 ? -11.142 -2.402  3.379   1.00 13.34 ? 8   JSP A C7    1 
HETATM 155 N N2    . JSP A 1 8 ? -12.660 -2.971  -1.764  1.00 11.64 ? 8   JSP A N2    1 
HETATM 156 N N3    . JSP A 1 8 ? -11.327 -3.523  -0.068  1.00 11.01 ? 8   JSP A N3    1 
HETATM 157 N N5    . JSP A 1 8 ? -11.581 -2.519  1.992   1.00 11.32 ? 8   JSP A N5    1 
HETATM 158 O "O3'" . JSP A 1 8 ? -17.364 -1.523  1.239   1.00 14.68 ? 8   JSP A "O3'" 1 
HETATM 159 O O4    . JSP A 1 8 ? -9.998  -4.079  1.602   1.00 12.47 ? 8   JSP A O4    1 
HETATM 160 O "O4'" . JSP A 1 8 ? -14.282 0.162   0.580   1.00 12.71 ? 8   JSP A "O4'" 1 
HETATM 161 O "O5'" . JSP A 1 8 ? -14.629 -0.029  3.397   1.00 13.73 ? 8   JSP A "O5'" 1 
HETATM 162 O OP1   . JSP A 1 8 ? -15.696 0.803   5.517   1.00 18.88 ? 8   JSP A OP1   1 
HETATM 163 O OP2   . JSP A 1 8 ? -13.690 -0.740  5.564   1.00 17.03 ? 8   JSP A OP2   1 
HETATM 164 P P     . JSP A 1 8 ? -14.410 0.354   4.938   1.00 15.42 ? 8   JSP A P     1 
HETATM 165 P P     . IGU B 2 1 ? -3.551  -11.277 -3.979  1.00 14.70 ? 9   IGU B P     1 
HETATM 166 O OP1   . IGU B 2 1 ? -2.707  -11.747 -5.089  1.00 16.88 ? 9   IGU B OP1   1 
HETATM 167 O OP2   . IGU B 2 1 ? -2.962  -10.377 -3.006  1.00 16.75 ? 9   IGU B OP2   1 
HETATM 168 O "O5'" . IGU B 2 1 ? -4.815  -10.504 -4.580  1.00 13.73 ? 9   IGU B "O5'" 1 
HETATM 169 C "C5'" . IGU B 2 1 ? -5.488  -11.060 -5.695  1.00 13.73 ? 9   IGU B "C5'" 1 
HETATM 170 C "C4'" . IGU B 2 1 ? -6.705  -10.265 -6.025  1.00 14.66 ? 9   IGU B "C4'" 1 
HETATM 171 O "O4'" . IGU B 2 1 ? -7.633  -10.376 -4.937  1.00 12.77 ? 9   IGU B "O4'" 1 
HETATM 172 C "C3'" . IGU B 2 1 ? -6.569  -8.762  -6.174  1.00 13.22 ? 9   IGU B "C3'" 1 
HETATM 173 O "O3'" . IGU B 2 1 ? -5.941  -8.432  -7.424  1.00 15.71 ? 9   IGU B "O3'" 1 
HETATM 174 C "C2'" . IGU B 2 1 ? -8.049  -8.364  -6.073  1.00 13.17 ? 9   IGU B "C2'" 1 
HETATM 175 C "C1'" . IGU B 2 1 ? -8.366  -9.156  -4.813  1.00 12.26 ? 9   IGU B "C1'" 1 
HETATM 176 N N9    . IGU B 2 1 ? -8.202  -8.484  -3.577  1.00 11.66 ? 9   IGU B N9    1 
HETATM 177 C C8    . IGU B 2 1 ? -7.247  -8.687  -2.746  1.00 12.49 ? 9   IGU B C8    1 
HETATM 178 N N7    . IGU B 2 1 ? -7.287  -7.940  -1.737  1.00 11.83 ? 9   IGU B N7    1 
HETATM 179 C C6    . IGU B 2 1 ? -8.898  -6.225  -1.165  1.00 11.13 ? 9   IGU B C6    1 
HETATM 180 N N6    . IGU B 2 1 ? -8.461  -5.814  -0.052  1.00 11.61 ? 9   IGU B N6    1 
HETATM 181 C C5    . IGU B 2 1 ? -8.342  -7.215  -1.925  1.00 10.30 ? 9   IGU B C5    1 
HETATM 182 N N1    . IGU B 2 1 ? -10.019 -5.657  -1.660  1.00 10.43 ? 9   IGU B N1    1 
HETATM 183 C C2    . IGU B 2 1 ? -10.561 -6.027  -2.860  1.00 10.69 ? 9   IGU B C2    1 
HETATM 184 O O2    . IGU B 2 1 ? -11.562 -5.405  -3.224  1.00 11.95 ? 9   IGU B O2    1 
HETATM 185 N N3    . IGU B 2 1 ? -10.015 -6.980  -3.542  1.00 11.05 ? 9   IGU B N3    1 
HETATM 186 C C4    . IGU B 2 1 ? -8.940  -7.545  -3.104  1.00 10.45 ? 9   IGU B C4    1 
HETATM 187 C C1    . JSP B 2 2 ? -8.431  -3.947  -4.658  1.00 12.80 ? 10  JSP B C1    1 
HETATM 188 C "C1'" . JSP B 2 2 ? -9.273  -4.052  -5.972  1.00 13.55 ? 10  JSP B "C1'" 1 
HETATM 189 C C2    . JSP B 2 2 ? -8.767  -3.136  -3.610  1.00 12.07 ? 10  JSP B C2    1 
HETATM 190 C "C2'" . JSP B 2 2 ? -9.018  -2.861  -6.882  1.00 15.00 ? 10  JSP B "C2'" 1 
HETATM 191 C "C3'" . JSP B 2 2 ? -7.887  -3.417  -7.732  1.00 16.14 ? 10  JSP B "C3'" 1 
HETATM 192 C C4    . JSP B 2 2 ? -6.953  -3.802  -2.444  1.00 13.47 ? 10  JSP B C4    1 
HETATM 193 C "C4'" . JSP B 2 2 ? -8.377  -4.835  -7.988  1.00 16.49 ? 10  JSP B "C4'" 1 
HETATM 194 C "C5'" . JSP B 2 2 ? -7.336  -5.835  -8.455  1.00 16.86 ? 10  JSP B "C5'" 1 
HETATM 195 C C6    . JSP B 2 2 ? -7.318  -4.676  -4.585  1.00 14.30 ? 10  JSP B C6    1 
HETATM 196 C C7    . JSP B 2 2 ? -5.333  -5.419  -3.343  1.00 15.40 ? 10  JSP B C7    1 
HETATM 197 N N2    . JSP B 2 2 ? -9.839  -2.430  -3.681  1.00 13.78 ? 10  JSP B N2    1 
HETATM 198 N N3    . JSP B 2 2 ? -8.027  -3.093  -2.566  1.00 11.54 ? 10  JSP B N3    1 
HETATM 199 N N5    . JSP B 2 2 ? -6.555  -4.625  -3.478  1.00 12.77 ? 10  JSP B N5    1 
HETATM 200 O "O3'" . JSP B 2 2 ? -7.753  -2.701  -8.973  1.00 18.84 ? 10  JSP B "O3'" 1 
HETATM 201 O O4    . JSP B 2 2 ? -6.256  -3.746  -1.438  1.00 13.07 ? 10  JSP B O4    1 
HETATM 202 O "O4'" . JSP B 2 2 ? -8.909  -5.221  -6.703  1.00 15.00 ? 10  JSP B "O4'" 1 
HETATM 203 O "O5'" . JSP B 2 2 ? -6.310  -5.952  -7.474  1.00 15.96 ? 10  JSP B "O5'" 1 
HETATM 204 O OP1   . JSP B 2 2 ? -4.638  -7.039  -9.004  1.00 19.64 ? 10  JSP B OP1   1 
HETATM 205 O OP2   . JSP B 2 2 ? -4.214  -6.821  -6.496  1.00 17.87 ? 10  JSP B OP2   1 
HETATM 206 P P     . JSP B 2 2 ? -5.157  -7.060  -7.614  1.00 16.02 ? 10  JSP B P     1 
HETATM 207 N N     . 1W5 B 2 3 ? -4.775  -2.012  -4.310  1.00 20.14 ? 11  1W5 B N     1 
HETATM 208 P P     . 1W5 B 2 3 ? -6.635  -1.579  -9.141  1.00 17.64 ? 11  1W5 B P     1 
HETATM 209 C C1    . 1W5 B 2 3 ? -7.505  0.457   -4.097  1.00 13.88 ? 11  1W5 B C1    1 
HETATM 210 C C2    . 1W5 B 2 3 ? -7.372  0.921   -2.731  1.00 13.27 ? 11  1W5 B C2    1 
HETATM 211 O O2    . 1W5 B 2 3 ? -8.035  1.760   -2.192  1.00 14.00 ? 11  1W5 B O2    1 
HETATM 212 N N3    . 1W5 B 2 3 ? -6.318  0.343   -2.013  1.00 12.25 ? 11  1W5 B N3    1 
HETATM 213 C C4    . 1W5 B 2 3 ? -5.467  -0.596  -2.445  1.00 13.69 ? 11  1W5 B C4    1 
HETATM 214 N N4    . 1W5 B 2 3 ? -4.547  -0.996  -1.564  1.00 14.26 ? 11  1W5 B N4    1 
HETATM 215 C C5    . 1W5 B 2 3 ? -5.626  -1.030  -3.747  1.00 16.37 ? 11  1W5 B C5    1 
HETATM 216 C C6    . 1W5 B 2 3 ? -6.670  -0.480  -4.547  1.00 15.68 ? 11  1W5 B C6    1 
HETATM 217 C "C1'" . 1W5 B 2 3 ? -8.596  1.029   -4.847  1.00 15.52 ? 11  1W5 B "C1'" 1 
HETATM 218 C "C2'" . 1W5 B 2 3 ? -8.187  2.384   -5.359  1.00 16.94 ? 11  1W5 B "C2'" 1 
HETATM 219 C "C3'" . 1W5 B 2 3 ? -7.607  2.127   -6.751  1.00 17.20 ? 11  1W5 B "C3'" 1 
HETATM 220 O "O3'" . 1W5 B 2 3 ? -7.594  3.347   -7.524  1.00 19.73 ? 11  1W5 B "O3'" 1 
HETATM 221 C "C4'" . 1W5 B 2 3 ? -8.665  1.164   -7.237  1.00 17.86 ? 11  1W5 B "C4'" 1 
HETATM 222 O "O4'" . 1W5 B 2 3 ? -8.865  0.303   -6.086  1.00 16.27 ? 11  1W5 B "O4'" 1 
HETATM 223 C "C5'" . 1W5 B 2 3 ? -8.234  0.380   -8.483  1.00 18.80 ? 11  1W5 B "C5'" 1 
HETATM 224 O "O5'" . 1W5 B 2 3 ? -7.122  -0.427  -8.124  1.00 19.18 ? 11  1W5 B "O5'" 1 
HETATM 225 O ON1   . 1W5 B 2 3 ? -4.966  -2.368  -5.450  1.00 29.90 ? 11  1W5 B ON1   1 
HETATM 226 O ON2   . 1W5 B 2 3 ? -3.890  -2.433  -3.629  1.00 27.29 ? 11  1W5 B ON2   1 
HETATM 227 O OP1   . 1W5 B 2 3 ? -6.790  -0.967  -10.476 1.00 21.21 ? 11  1W5 B OP1   1 
HETATM 228 O OP2   . 1W5 B 2 3 ? -5.303  -2.139  -8.725  1.00 20.91 ? 11  1W5 B OP2   1 
HETATM 229 P P     . 1WA B 2 4 ? -6.294  4.262   -7.549  1.00 19.04 ? 12  1WA B P     1 
HETATM 230 N N1    . 1WA B 2 4 ? -2.844  2.778   0.593   1.00 11.04 ? 12  1WA B N1    1 
HETATM 231 C C2    . 1WA B 2 4 ? -3.613  3.807   0.847   1.00 11.94 ? 12  1WA B C2    1 
HETATM 232 N N2    . 1WA B 2 4 ? -3.526  4.332   2.068   1.00 12.07 ? 12  1WA B N2    1 
HETATM 233 N N3    . 1WA B 2 4 ? -4.478  4.423   0.002   1.00 12.62 ? 12  1WA B N3    1 
HETATM 234 C C4    . 1WA B 2 4 ? -4.478  3.845   -1.168  1.00 11.97 ? 12  1WA B C4    1 
HETATM 235 N N5    . 1WA B 2 4 ? -3.751  2.778   -1.544  1.00 11.48 ? 12  1WA B N5    1 
HETATM 236 C C6    . 1WA B 2 4 ? -2.871  2.170   -0.604  1.00 11.92 ? 12  1WA B C6    1 
HETATM 237 O O6    . 1WA B 2 4 ? -2.218  1.241   -0.935  1.00 12.62 ? 12  1WA B O6    1 
HETATM 238 C C7    . 1WA B 2 4 ? -4.021  2.454   -2.874  1.00 14.06 ? 12  1WA B C7    1 
HETATM 239 C C8    . 1WA B 2 4 ? -4.918  3.333   -3.297  1.00 14.48 ? 12  1WA B C8    1 
HETATM 240 N N9    . 1WA B 2 4 ? -5.209  4.200   -2.240  1.00 12.74 ? 12  1WA B N9    1 
HETATM 241 C "C1'" . 1WA B 2 4 ? -6.161  5.323   -2.242  1.00 14.30 ? 12  1WA B "C1'" 1 
HETATM 242 C "C2'" . 1WA B 2 4 ? -5.543  6.689   -2.498  1.00 14.81 ? 12  1WA B "C2'" 1 
HETATM 243 C "C3'" . 1WA B 2 4 ? -5.718  6.780   -4.006  1.00 14.66 ? 12  1WA B "C3'" 1 
HETATM 244 O "O3'" . 1WA B 2 4 ? -5.691  8.171   -4.411  1.00 17.08 ? 12  1WA B "O3'" 1 
HETATM 245 C "C4'" . 1WA B 2 4 ? -7.083  6.162   -4.228  1.00 16.69 ? 12  1WA B "C4'" 1 
HETATM 246 O "O4'" . 1WA B 2 4 ? -7.083  5.057   -3.295  1.00 15.85 ? 12  1WA B "O4'" 1 
HETATM 247 C "C5'" . 1WA B 2 4 ? -7.365  5.697   -5.636  1.00 16.88 ? 12  1WA B "C5'" 1 
HETATM 248 O "O5'" . 1WA B 2 4 ? -6.288  4.874   -6.082  1.00 17.19 ? 12  1WA B "O5'" 1 
HETATM 249 O OP1   . 1WA B 2 4 ? -6.466  5.313   -8.562  1.00 21.17 ? 12  1WA B OP1   1 
HETATM 250 O OP2   . 1WA B 2 4 ? -5.037  3.425   -7.554  1.00 23.81 ? 12  1WA B OP2   1 
HETATM 251 P P     . 1WA B 2 5 ? -4.323  8.903   -4.759  1.00 18.12 ? 13  1WA B P     1 
HETATM 252 N N1    . 1WA B 2 5 ? 1.122   2.803   0.991   1.00 12.57 ? 13  1WA B N1    1 
HETATM 253 C C2    . 1WA B 2 5 ? 0.775   3.847   1.690   1.00 13.79 ? 13  1WA B C2    1 
HETATM 254 N N2    . 1WA B 2 5 ? 1.205   3.922   2.959   1.00 13.92 ? 13  1WA B N2    1 
HETATM 255 N N3    . 1WA B 2 5 ? 0.014   4.886   1.273   1.00 13.68 ? 13  1WA B N3    1 
HETATM 256 C C4    . 1WA B 2 5 ? -0.366  4.769   0.036   1.00 13.09 ? 13  1WA B C4    1 
HETATM 257 N N5    . 1WA B 2 5 ? -0.052  3.746   -0.768  1.00 12.70 ? 13  1WA B N5    1 
HETATM 258 C C6    . 1WA B 2 5 ? 0.749   2.665   -0.293  1.00 12.96 ? 13  1WA B C6    1 
HETATM 259 O O6    . 1WA B 2 5 ? 1.006   1.768   -1.015  1.00 13.42 ? 13  1WA B O6    1 
HETATM 260 C C7    . 1WA B 2 5 ? -0.622  3.951   -2.024  1.00 14.73 ? 13  1WA B C7    1 
HETATM 261 C C8    . 1WA B 2 5 ? -1.278  5.098   -1.953  1.00 15.19 ? 13  1WA B C8    1 
HETATM 262 N N9    . 1WA B 2 5 ? -1.132  5.631   -0.670  1.00 14.61 ? 13  1WA B N9    1 
HETATM 263 C "C1'" . 1WA B 2 5 ? -1.690  6.894   -0.141  1.00 15.49 ? 13  1WA B "C1'" 1 
HETATM 264 C "C2'" . 1WA B 2 5 ? -0.652  7.974   0.142   1.00 17.80 ? 13  1WA B "C2'" 1 
HETATM 265 C "C3'" . 1WA B 2 5 ? -0.529  8.572   -1.253  1.00 18.61 ? 13  1WA B "C3'" 1 
HETATM 266 O "O3'" . 1WA B 2 5 ? 0.133   9.857   -1.167  1.00 22.57 ? 13  1WA B "O3'" 1 
HETATM 267 C "C4'" . 1WA B 2 5 ? -1.980  8.659   -1.671  1.00 19.03 ? 13  1WA B "C4'" 1 
HETATM 268 O "O4'" . 1WA B 2 5 ? -2.561  7.436   -1.139  1.00 16.06 ? 13  1WA B "O4'" 1 
HETATM 269 C "C5'" . 1WA B 2 5 ? -2.212  8.773   -3.153  1.00 19.01 ? 13  1WA B "C5'" 1 
HETATM 270 O "O5'" . 1WA B 2 5 ? -3.611  8.927   -3.346  1.00 17.43 ? 13  1WA B "O5'" 1 
HETATM 271 O OP1   . 1WA B 2 5 ? -4.670  10.276  -5.190  1.00 18.34 ? 13  1WA B OP1   1 
HETATM 272 O OP2   . 1WA B 2 5 ? -3.424  8.042   -5.625  1.00 19.06 ? 13  1WA B OP2   1 
HETATM 273 P P     . IGU B 2 6 ? 1.602   10.056  -1.749  1.00 21.45 ? 14  IGU B P     1 
HETATM 274 O OP1   . IGU B 2 6 ? 1.955   11.465  -1.669  1.00 25.06 ? 14  IGU B OP1   1 
HETATM 275 O OP2   . IGU B 2 6 ? 1.805   9.347   -3.017  1.00 23.09 ? 14  IGU B OP2   1 
HETATM 276 O "O5'" . IGU B 2 6 ? 2.498   9.290   -0.694  1.00 19.53 ? 14  IGU B "O5'" 1 
HETATM 277 C "C5'" . IGU B 2 6 ? 2.435   9.703   0.657   1.00 19.23 ? 14  IGU B "C5'" 1 
HETATM 278 C "C4'" . IGU B 2 6 ? 3.198   8.747   1.519   1.00 20.58 ? 14  IGU B "C4'" 1 
HETATM 279 O "O4'" . IGU B 2 6 ? 2.549   7.465   1.448   1.00 19.43 ? 14  IGU B "O4'" 1 
HETATM 280 C "C3'" . IGU B 2 6 ? 4.615   8.371   1.115   1.00 20.30 ? 14  IGU B "C3'" 1 
HETATM 281 O "O3'" . IGU B 2 6 ? 5.554   9.437   1.295   1.00 20.78 ? 14  IGU B "O3'" 1 
HETATM 282 C "C2'" . IGU B 2 6 ? 4.795   7.163   2.048   1.00 19.53 ? 14  IGU B "C2'" 1 
HETATM 283 C "C1'" . IGU B 2 6 ? 3.505   6.436   1.684   1.00 18.30 ? 14  IGU B "C1'" 1 
HETATM 284 N N9    . IGU B 2 6 ? 3.517   5.427   0.697   1.00 15.86 ? 14  IGU B N9    1 
HETATM 285 C C8    . IGU B 2 6 ? 2.998   5.494   -0.461  1.00 15.43 ? 14  IGU B C8    1 
HETATM 286 N N7    . IGU B 2 6 ? 3.187   4.464   -1.145  1.00 15.80 ? 14  IGU B N7    1 
HETATM 287 C C6    . IGU B 2 6 ? 4.377   2.463   -0.586  1.00 14.74 ? 14  IGU B C6    1 
HETATM 288 N N6    . IGU B 2 6 ? 4.219   1.807   -1.641  1.00 15.90 ? 14  IGU B N6    1 
HETATM 289 C C5    . IGU B 2 6 ? 3.878   3.704   -0.388  1.00 14.24 ? 14  IGU B C5    1 
HETATM 290 N N1    . IGU B 2 6 ? 5.075   1.906   0.419   1.00 15.32 ? 14  IGU B N1    1 
HETATM 291 C C2    . IGU B 2 6 ? 5.271   2.585   1.586   1.00 15.27 ? 14  IGU B C2    1 
HETATM 292 O O2    . IGU B 2 6 ? 5.919   2.036   2.453   1.00 17.17 ? 14  IGU B O2    1 
HETATM 293 N N3    . IGU B 2 6 ? 4.771   3.758   1.719   1.00 15.89 ? 14  IGU B N3    1 
HETATM 294 C C4    . IGU B 2 6 ? 4.099   4.310   0.791   1.00 14.33 ? 14  IGU B C4    1 
ATOM   295 P P     . DA  B 2 7 ? 6.964   9.401   0.557   1.00 23.77 ? 15  DA  B P     1 
ATOM   296 O OP1   . DA  B 2 7 ? 7.667   10.664  0.889   1.00 23.54 ? 15  DA  B OP1   1 
ATOM   297 O OP2   . DA  B 2 7 ? 6.730   9.068   -0.867  1.00 27.44 ? 15  DA  B OP2   1 
ATOM   298 O "O5'" . DA  B 2 7 ? 7.741   8.182   1.245   1.00 21.39 ? 15  DA  B "O5'" 1 
ATOM   299 C "C5'" . DA  B 2 7 ? 7.984   8.203   2.638   1.00 18.51 ? 15  DA  B "C5'" 1 
ATOM   300 C "C4'" . DA  B 2 7 ? 8.740   6.965   3.053   1.00 18.32 ? 15  DA  B "C4'" 1 
ATOM   301 O "O4'" . DA  B 2 7 ? 7.941   5.785   2.810   1.00 18.21 ? 15  DA  B "O4'" 1 
ATOM   302 C "C3'" . DA  B 2 7 ? 10.007  6.704   2.264   1.00 17.94 ? 15  DA  B "C3'" 1 
ATOM   303 O "O3'" . DA  B 2 7 ? 11.085  7.507   2.707   1.00 19.09 ? 15  DA  B "O3'" 1 
ATOM   304 C "C2'" . DA  B 2 7 ? 10.231  5.233   2.521   1.00 20.28 ? 15  DA  B "C2'" 1 
ATOM   305 C "C1'" . DA  B 2 7 ? 8.808   4.695   2.500   1.00 16.63 ? 15  DA  B "C1'" 1 
ATOM   306 N N9    . DA  B 2 7 ? 8.418   4.119   1.218   1.00 14.71 ? 15  DA  B N9    1 
ATOM   307 C C8    . DA  B 2 7 ? 7.654   4.695   0.254   1.00 14.86 ? 15  DA  B C8    1 
ATOM   308 N N7    . DA  B 2 7 ? 7.452   3.922   -0.787  1.00 14.56 ? 15  DA  B N7    1 
ATOM   309 C C5    . DA  B 2 7 ? 8.136   2.772   -0.487  1.00 14.07 ? 15  DA  B C5    1 
ATOM   310 C C6    . DA  B 2 7 ? 8.280   1.564   -1.169  1.00 13.04 ? 15  DA  B C6    1 
ATOM   311 N N6    . DA  B 2 7 ? 7.737   1.321   -2.361  1.00 15.08 ? 15  DA  B N6    1 
ATOM   312 N N1    . DA  B 2 7 ? 9.018   0.612   -0.592  1.00 14.56 ? 15  DA  B N1    1 
ATOM   313 C C2    . DA  B 2 7 ? 9.550   0.844   0.607   1.00 15.25 ? 15  DA  B C2    1 
ATOM   314 N N3    . DA  B 2 7 ? 9.474   1.934   1.355   1.00 15.29 ? 15  DA  B N3    1 
ATOM   315 C C4    . DA  B 2 7 ? 8.728   2.862   0.752   1.00 13.34 ? 15  DA  B C4    1 
ATOM   316 P P     . DG  B 2 8 ? 12.241  7.939   1.672   1.00 17.57 ? 16  DG  B P     1 
ATOM   317 O OP1   . DG  B 2 8 ? 12.913  9.125   2.254   1.00 19.36 ? 16  DG  B OP1   1 
ATOM   318 O OP2   . DG  B 2 8 ? 11.700  8.053   0.305   1.00 19.33 ? 16  DG  B OP2   1 
ATOM   319 O "O5'" . DG  B 2 8 ? 13.232  6.699   1.662   1.00 17.09 ? 16  DG  B "O5'" 1 
ATOM   320 C "C5'" . DG  B 2 8 ? 13.750  6.205   2.873   1.00 17.78 ? 16  DG  B "C5'" 1 
ATOM   321 C "C4'" . DG  B 2 8 ? 14.428  4.875   2.652   1.00 16.77 ? 16  DG  B "C4'" 1 
ATOM   322 O "O4'" . DG  B 2 8 ? 13.422  3.851   2.432   1.00 17.03 ? 16  DG  B "O4'" 1 
ATOM   323 C "C3'" . DG  B 2 8 ? 15.331  4.808   1.429   1.00 16.80 ? 16  DG  B "C3'" 1 
ATOM   324 O "O3'" . DG  B 2 8 ? 16.645  5.299   1.719   1.00 15.17 ? 16  DG  B "O3'" 1 
ATOM   325 C "C2'" . DG  B 2 8 ? 15.308  3.322   1.105   1.00 16.01 ? 16  DG  B "C2'" 1 
ATOM   326 C "C1'" . DG  B 2 8 ? 13.861  2.945   1.433   1.00 16.55 ? 16  DG  B "C1'" 1 
ATOM   327 N N9    . DG  B 2 8 ? 12.973  3.046   0.279   1.00 15.33 ? 16  DG  B N9    1 
ATOM   328 C C8    . DG  B 2 8 ? 12.279  4.145   -0.140  1.00 14.78 ? 16  DG  B C8    1 
ATOM   329 N N7    . DG  B 2 8 ? 11.593  3.944   -1.228  1.00 14.26 ? 16  DG  B N7    1 
ATOM   330 C C5    . DG  B 2 8 ? 11.841  2.620   -1.540  1.00 13.81 ? 16  DG  B C5    1 
ATOM   331 C C6    . DG  B 2 8 ? 11.367  1.842   -2.619  1.00 12.82 ? 16  DG  B C6    1 
ATOM   332 O O6    . DG  B 2 8 ? 10.617  2.198   -3.537  1.00 13.49 ? 16  DG  B O6    1 
ATOM   333 N N1    . DG  B 2 8 ? 11.887  0.557   -2.588  1.00 12.88 ? 16  DG  B N1    1 
ATOM   334 C C2    . DG  B 2 8 ? 12.726  0.087   -1.621  1.00 13.36 ? 16  DG  B C2    1 
ATOM   335 N N2    . DG  B 2 8 ? 13.115  -1.187  -1.749  1.00 15.31 ? 16  DG  B N2    1 
ATOM   336 N N3    . DG  B 2 8 ? 13.161  0.804   -0.594  1.00 14.08 ? 16  DG  B N3    1 
ATOM   337 C C4    . DG  B 2 8 ? 12.683  2.055   -0.624  1.00 14.13 ? 16  DG  B C4    1 
HETATM 338 O O     . HOH C 3 . ? 3.837   -6.279  9.117   1.00 23.34 ? 101 HOH A O     1 
HETATM 339 O O     . HOH C 3 . ? -18.277 0.392   5.626   1.00 40.81 ? 102 HOH A O     1 
HETATM 340 O O     . HOH C 3 . ? 7.618   -6.977  -7.384  1.00 27.76 ? 103 HOH A O     1 
HETATM 341 O O     . HOH C 3 . ? -11.893 -2.056  7.108   1.00 28.85 ? 104 HOH A O     1 
HETATM 342 O O     . HOH C 3 . ? 10.751  -11.651 -2.843  1.00 29.97 ? 105 HOH A O     1 
HETATM 343 O O     . HOH C 3 . ? 4.132   -7.733  2.451   1.00 27.76 ? 106 HOH A O     1 
HETATM 344 O O     . HOH C 3 . ? 3.055   3.447   6.051   1.00 18.47 ? 107 HOH A O     1 
HETATM 345 O O     . HOH C 3 . ? -8.903  2.463   11.410  1.00 31.32 ? 108 HOH A O     1 
HETATM 346 O O     . HOH C 3 . ? -2.447  5.393   5.536   1.00 23.15 ? 109 HOH A O     1 
HETATM 347 O O     . HOH C 3 . ? 6.597   -7.266  -3.577  1.00 23.92 ? 110 HOH A O     1 
HETATM 348 O O     . HOH C 3 . ? -6.404  -1.406  7.554   1.00 24.71 ? 111 HOH A O     1 
HETATM 349 O O     . HOH C 3 . ? 6.756   -6.648  -0.934  1.00 21.12 ? 112 HOH A O     1 
HETATM 350 O O     . HOH C 3 . ? 4.530   -6.079  0.406   1.00 24.49 ? 113 HOH A O     1 
HETATM 351 O O     . HOH C 3 . ? 12.128  -3.039  2.462   1.00 28.34 ? 114 HOH A O     1 
HETATM 352 O O     . HOH C 3 . ? -8.376  -4.317  3.867   1.00 20.43 ? 115 HOH A O     1 
HETATM 353 O O     . HOH C 3 . ? -7.005  0.174   11.058  1.00 22.60 ? 116 HOH A O     1 
HETATM 354 O O     . HOH C 3 . ? -3.367  -1.695  6.013   1.00 22.37 ? 117 HOH A O     1 
HETATM 355 O O     . HOH C 3 . ? 10.809  -11.151 -7.109  1.00 28.01 ? 118 HOH A O     1 
HETATM 356 O O     . HOH C 3 . ? 1.737   -4.855  3.825   1.00 29.64 ? 119 HOH A O     1 
HETATM 357 O O     . HOH C 3 . ? 5.965   -1.201  -5.296  1.00 25.97 ? 120 HOH A O     1 
HETATM 358 O O     . HOH C 3 . ? -12.227 2.035   -0.062  1.00 14.27 ? 121 HOH A O     1 
HETATM 359 O O     . HOH C 3 . ? -3.797  -0.951  12.956  1.00 16.80 ? 122 HOH A O     1 
HETATM 360 O O     . HOH C 3 . ? -1.487  -3.249  6.273   1.00 29.19 ? 123 HOH A O     1 
HETATM 361 O O     . HOH C 3 . ? -5.380  -3.579  2.986   1.00 32.02 ? 124 HOH A O     1 
HETATM 362 O O     . HOH C 3 . ? -3.438  -2.838  1.968   1.00 23.71 ? 125 HOH A O     1 
HETATM 363 O O     . HOH C 3 . ? -0.669  -2.798  -0.456  1.00 29.93 ? 126 HOH A O     1 
HETATM 364 O O     . HOH C 3 . ? 0.163   -5.061  10.651  1.00 20.51 ? 127 HOH A O     1 
HETATM 365 O O     . HOH C 3 . ? -2.838  -2.847  10.543  1.00 27.75 ? 128 HOH A O     1 
HETATM 366 O O     . HOH C 3 . ? -11.224 2.238   -2.482  1.00 19.50 ? 129 HOH A O     1 
HETATM 367 O O     . HOH C 3 . ? 7.499   1.156   -7.483  1.00 36.69 ? 130 HOH A O     1 
HETATM 368 O O     . HOH C 3 . ? 9.011   -2.937  -10.124 1.00 30.40 ? 131 HOH A O     1 
HETATM 369 O O     . HOH C 3 . ? 0.607   -4.748  0.511   1.00 40.83 ? 132 HOH A O     1 
HETATM 370 O O     . HOH C 3 . ? -6.503  -2.319  5.001   1.00 23.72 ? 133 HOH A O     1 
HETATM 371 O O     . HOH C 3 . ? -7.976  4.878   10.628  1.00 26.76 ? 134 HOH A O     1 
HETATM 372 O O     . HOH C 3 . ? 2.416   -5.945  -1.626  1.00 39.92 ? 135 HOH A O     1 
HETATM 373 O O     . HOH C 3 . ? 0.542   5.111   8.089   1.00 36.90 ? 136 HOH A O     1 
HETATM 374 O O     . HOH C 3 . ? -8.531  6.477   8.250   1.00 33.45 ? 137 HOH A O     1 
HETATM 375 O O     . HOH C 3 . ? -12.552 0.742   -4.373  1.00 21.89 ? 138 HOH A O     1 
HETATM 376 O O     . HOH C 3 . ? -13.569 4.733   7.717   1.00 32.19 ? 139 HOH A O     1 
HETATM 377 O O     . HOH D 3 . ? -6.104  1.155   -11.551 1.00 36.09 ? 101 HOH B O     1 
HETATM 378 O O     . HOH D 3 . ? -5.601  -7.460  -11.352 1.00 29.01 ? 102 HOH B O     1 
HETATM 379 O O     . HOH D 3 . ? 15.040  10.114  1.158   1.00 21.69 ? 103 HOH B O     1 
HETATM 380 O O     . HOH D 3 . ? -3.617  12.447  -4.145  1.00 26.12 ? 104 HOH B O     1 
HETATM 381 O O     . HOH D 3 . ? -2.251  5.760   -4.953  1.00 20.53 ? 105 HOH B O     1 
HETATM 382 O O     . HOH D 3 . ? -1.596  -10.565 -7.224  1.00 30.46 ? 106 HOH B O     1 
HETATM 383 O O     . HOH D 3 . ? 16.736  7.984   1.997   1.00 18.02 ? 107 HOH B O     1 
HETATM 384 O O     . HOH D 3 . ? -3.134  -4.302  -6.031  1.00 23.82 ? 108 HOH B O     1 
HETATM 385 O O     . HOH D 3 . ? 12.255  9.728   4.833   1.00 24.10 ? 109 HOH B O     1 
HETATM 386 O O     . HOH D 3 . ? 6.971   2.570   4.919   1.00 19.91 ? 110 HOH B O     1 
HETATM 387 O O     . HOH D 3 . ? 12.021  10.173  -1.398  1.00 22.65 ? 111 HOH B O     1 
HETATM 388 O O     . HOH D 3 . ? -13.949 -5.759  -4.535  1.00 18.35 ? 112 HOH B O     1 
HETATM 389 O O     . HOH D 3 . ? -0.976  -0.268  -2.946  1.00 29.22 ? 113 HOH B O     1 
HETATM 390 O O     . HOH D 3 . ? 11.100  1.728   3.650   1.00 20.99 ? 114 HOH B O     1 
HETATM 391 O O     . HOH D 3 . ? -3.033  -9.118  -0.478  1.00 22.37 ? 115 HOH B O     1 
HETATM 392 O O     . HOH D 3 . ? -3.588  -4.164  -0.570  1.00 24.75 ? 116 HOH B O     1 
HETATM 393 O O     . HOH D 3 . ? 18.851  4.476   0.123   1.00 15.77 ? 117 HOH B O     1 
HETATM 394 O O     . HOH D 3 . ? -4.317  1.937   -9.888  1.00 41.65 ? 118 HOH B O     1 
HETATM 395 O O     . HOH D 3 . ? -9.393  -1.551  -11.515 1.00 30.02 ? 119 HOH B O     1 
HETATM 396 O O     . HOH D 3 . ? -2.921  -7.727  -4.106  1.00 23.19 ? 120 HOH B O     1 
HETATM 397 O O     . HOH D 3 . ? 3.047   2.974   -3.981  1.00 36.09 ? 121 HOH B O     1 
HETATM 398 O O     . HOH D 3 . ? 15.716  -2.046  -0.839  1.00 21.27 ? 122 HOH B O     1 
HETATM 399 O O     . HOH D 3 . ? 5.143   4.619   4.466   1.00 21.25 ? 123 HOH B O     1 
HETATM 400 O O     . HOH D 3 . ? 10.137  6.576   -1.650  1.00 21.72 ? 124 HOH B O     1 
HETATM 401 O O     . HOH D 3 . ? 9.094   4.577   -4.275  1.00 25.67 ? 125 HOH B O     1 
HETATM 402 O O     . HOH D 3 . ? 14.277  -0.639  1.694   1.00 31.08 ? 126 HOH B O     1 
HETATM 403 O O     . HOH D 3 . ? 1.262   5.638   5.375   1.00 23.54 ? 127 HOH B O     1 
HETATM 404 O O     . HOH D 3 . ? -4.891  -7.332  -0.102  1.00 20.82 ? 128 HOH B O     1 
HETATM 405 O O     . HOH D 3 . ? -11.883 -1.697  -5.707  1.00 18.86 ? 129 HOH B O     1 
HETATM 406 O O     . HOH D 3 . ? -1.197  6.822   3.224   1.00 19.30 ? 130 HOH B O     1 
HETATM 407 O O     . HOH D 3 . ? 6.246   2.768   -4.551  1.00 29.15 ? 131 HOH B O     1 
HETATM 408 O O     . HOH D 3 . ? 12.849  3.140   5.358   1.00 22.70 ? 132 HOH B O     1 
HETATM 409 O O     . HOH D 3 . ? -2.778  0.331   -5.172  1.00 29.22 ? 133 HOH B O     1 
HETATM 410 O O     . HOH D 3 . ? -5.666  -5.758  1.575   1.00 22.13 ? 134 HOH B O     1 
HETATM 411 O O     . HOH D 3 . ? -1.067  -4.021  -4.116  1.00 38.67 ? 135 HOH B O     1 
HETATM 412 O O     . HOH D 3 . ? 4.191   5.279   -4.252  1.00 38.69 ? 136 HOH B O     1 
HETATM 413 O O     . HOH D 3 . ? 2.706   7.928   5.248   1.00 29.26 ? 137 HOH B O     1 
HETATM 414 O O     . HOH D 3 . ? -0.483  9.467   3.443   1.00 28.15 ? 138 HOH B O     1 
HETATM 415 O O     . HOH D 3 . ? 6.719   9.512   5.285   1.00 29.32 ? 139 HOH B O     1 
HETATM 416 O O     . HOH D 3 . ? 12.729  -0.371  3.502   1.00 33.09 ? 140 HOH B O     1 
# 
